data_5SNV
#
_entry.id   5SNV
#
_cell.length_a   137.954
_cell.length_b   65.466
_cell.length_c   84.456
_cell.angle_alpha   90.000
_cell.angle_beta   93.640
_cell.angle_gamma   90.000
#
_symmetry.space_group_name_H-M   'C 1 2 1'
#
loop_
_entity.id
_entity.type
_entity.pdbx_description
1 polymer '3-oxoacyl-[acyl-carrier-protein] synthase 2'
2 non-polymer 4-[(3-cyclopropyl-1,2,4-oxadiazol-5-yl)methyl]morpholine
3 non-polymer 'DIMETHYL SULFOXIDE'
4 non-polymer 'PHOSPHATE ION'
5 water water
#
_entity_poly.entity_id   1
_entity_poly.type   'polypeptide(L)'
_entity_poly.pdbx_seq_one_letter_code
;MSRRRVVITGMGMLSPLGLDVPSSWEGILAGRSGIAPIEHMDLSAYSTRFGGSVKGFNVEEYLSAKEARKLDLFIQYGLA
ASFQAVRDSGLEVTDANRERIGVSMGSGIGGLTNIENNCRSLFEQGPRRISPFFVPGSIINMVSGFLSIHLGLQGPNYAL
TTAQTTGTHSIGMAARNIAYGEADVMVAGGSEMAACGLGLGGFGAARALSTRNDEPTRASRPWDRDRDGFVLSDGSGALV
LEELEHARARGARIYAELVGFGMSGDAFHMTAPPEDGAGAARCMKNALRDAGLDPRQVDYINAHGTSTPAGDIAEIAAVK
SVFGEHAHALSMSSTKSMTGHLLGAAGAVEAIFSVLALRDQVAPPTINLDNPDEGCDLDLVAHEAKPRKIDVALSNSFGF
GGTNGTLVFRRFAD
;
_entity_poly.pdbx_strand_id   A,B
#
loop_
_chem_comp.id
_chem_comp.type
_chem_comp.name
_chem_comp.formula
DMS non-polymer 'DIMETHYL SULFOXIDE' 'C2 H6 O S'
PO4 non-polymer 'PHOSPHATE ION' 'O4 P -3'
X0G non-polymer 4-[(3-cyclopropyl-1,2,4-oxadiazol-5-yl)methyl]morpholine 'C10 H15 N3 O2'
#
# COMPACT_ATOMS: atom_id res chain seq x y z
N SER A 2 22.24 -11.94 9.33
CA SER A 2 21.65 -13.04 8.49
C SER A 2 20.17 -13.30 8.85
N ARG A 3 19.43 -13.93 7.94
CA ARG A 3 17.94 -13.98 7.93
C ARG A 3 17.40 -14.74 9.16
N ARG A 4 16.50 -14.11 9.91
CA ARG A 4 15.92 -14.70 11.15
C ARG A 4 14.63 -15.43 10.81
N ARG A 5 14.25 -16.40 11.64
CA ARG A 5 13.01 -17.20 11.50
C ARG A 5 11.83 -16.40 12.09
N VAL A 6 10.62 -16.62 11.54
CA VAL A 6 9.39 -15.85 11.90
C VAL A 6 8.25 -16.79 12.23
N VAL A 7 7.63 -16.56 13.39
CA VAL A 7 6.53 -17.42 13.89
C VAL A 7 5.29 -16.57 14.12
N ILE A 8 4.17 -17.24 14.23
CA ILE A 8 2.83 -16.62 14.44
C ILE A 8 2.45 -16.87 15.91
N THR A 9 2.24 -15.81 16.68
CA THR A 9 2.03 -15.88 18.15
C THR A 9 0.65 -15.32 18.48
N GLY A 10 -0.02 -14.66 17.54
CA GLY A 10 -1.35 -14.09 17.78
C GLY A 10 -2.14 -13.98 16.48
N MET A 11 -3.45 -14.17 16.55
CA MET A 11 -4.34 -14.00 15.37
C MET A 11 -5.66 -13.36 15.80
N GLY A 12 -6.28 -12.62 14.88
CA GLY A 12 -7.56 -11.95 15.13
C GLY A 12 -8.34 -11.82 13.87
N MET A 13 -9.67 -11.71 13.96
CA MET A 13 -10.51 -11.77 12.75
C MET A 13 -11.90 -11.20 12.98
N LEU A 14 -12.42 -10.49 11.98
CA LEU A 14 -13.86 -10.39 11.69
C LEU A 14 -14.10 -11.00 10.32
N SER A 15 -15.12 -11.83 10.22
CA SER A 15 -15.53 -12.48 8.96
C SER A 15 -17.04 -12.59 8.93
N PRO A 16 -17.60 -12.97 7.76
CA PRO A 16 -19.03 -13.29 7.70
C PRO A 16 -19.44 -14.51 8.55
N LEU A 17 -18.48 -15.22 9.13
CA LEU A 17 -18.80 -16.43 9.93
C LEU A 17 -18.64 -16.16 11.42
N GLY A 18 -18.04 -15.03 11.82
CA GLY A 18 -17.76 -14.78 13.26
C GLY A 18 -17.11 -13.44 13.57
N LEU A 19 -17.18 -13.05 14.84
CA LEU A 19 -16.64 -11.77 15.36
C LEU A 19 -15.25 -12.01 15.96
N ASP A 20 -14.73 -13.23 15.80
CA ASP A 20 -13.36 -13.57 16.19
C ASP A 20 -12.90 -14.81 15.41
N VAL A 21 -11.68 -15.25 15.69
CA VAL A 21 -11.06 -16.42 15.03
C VAL A 21 -11.81 -17.71 15.39
N PRO A 22 -11.92 -18.09 16.70
CA PRO A 22 -12.55 -19.35 17.08
C PRO A 22 -13.94 -19.57 16.49
N SER A 23 -14.81 -18.56 16.54
CA SER A 23 -16.22 -18.65 16.04
C SER A 23 -16.19 -18.77 14.50
N SER A 24 -15.31 -18.02 13.85
CA SER A 24 -15.13 -18.07 12.37
C SER A 24 -14.70 -19.49 11.96
N TRP A 25 -13.70 -20.06 12.64
CA TRP A 25 -13.10 -21.40 12.38
C TRP A 25 -14.13 -22.54 12.56
N GLU A 26 -14.96 -22.46 13.61
N GLU A 26 -14.95 -22.47 13.62
CA GLU A 26 -16.07 -23.41 13.88
CA GLU A 26 -16.08 -23.42 13.88
C GLU A 26 -16.99 -23.46 12.65
C GLU A 26 -16.98 -23.46 12.64
N GLY A 27 -17.31 -22.30 12.07
CA GLY A 27 -18.16 -22.21 10.87
C GLY A 27 -17.48 -22.84 9.66
N ILE A 28 -16.18 -22.56 9.48
CA ILE A 28 -15.32 -23.13 8.40
C ILE A 28 -15.38 -24.66 8.50
N LEU A 29 -15.17 -25.21 9.68
CA LEU A 29 -15.06 -26.68 9.82
C LEU A 29 -16.46 -27.31 9.66
N ALA A 30 -17.54 -26.56 9.92
CA ALA A 30 -18.92 -27.09 9.85
C ALA A 30 -19.52 -26.81 8.48
N GLY A 31 -18.74 -26.18 7.58
CA GLY A 31 -19.18 -25.92 6.20
C GLY A 31 -20.32 -24.92 6.16
N ARG A 32 -20.38 -24.00 7.11
CA ARG A 32 -21.44 -22.97 7.20
C ARG A 32 -21.12 -21.83 6.21
N SER A 33 -22.13 -21.30 5.52
CA SER A 33 -22.10 -20.09 4.66
C SER A 33 -22.34 -18.83 5.49
N GLY A 34 -21.59 -17.77 5.21
CA GLY A 34 -21.79 -16.45 5.83
C GLY A 34 -22.45 -15.50 4.87
N ILE A 35 -22.95 -16.00 3.75
CA ILE A 35 -23.45 -15.17 2.63
C ILE A 35 -24.97 -15.02 2.76
N ALA A 36 -25.46 -13.79 2.63
CA ALA A 36 -26.88 -13.46 2.85
C ALA A 36 -27.21 -12.18 2.11
N PRO A 37 -28.50 -11.96 1.78
CA PRO A 37 -28.92 -10.68 1.19
C PRO A 37 -28.36 -9.59 2.09
N ILE A 38 -27.87 -8.51 1.48
CA ILE A 38 -27.36 -7.34 2.23
C ILE A 38 -28.58 -6.54 2.75
N GLU A 39 -28.56 -6.18 4.03
CA GLU A 39 -29.68 -5.47 4.71
C GLU A 39 -29.38 -3.97 4.88
N HIS A 40 -28.12 -3.52 4.82
CA HIS A 40 -27.75 -2.12 5.18
C HIS A 40 -28.18 -1.12 4.09
N MET A 41 -28.73 -1.56 2.95
CA MET A 41 -29.02 -0.61 1.83
C MET A 41 -29.98 -1.24 0.81
N ASP A 42 -30.54 -0.39 -0.05
CA ASP A 42 -31.51 -0.74 -1.12
C ASP A 42 -30.73 -1.12 -2.40
N LEU A 43 -30.58 -2.41 -2.67
CA LEU A 43 -29.82 -2.91 -3.87
C LEU A 43 -30.80 -3.35 -4.98
N SER A 44 -32.03 -2.85 -5.01
CA SER A 44 -33.04 -3.31 -6.00
C SER A 44 -32.57 -2.95 -7.41
N ALA A 45 -31.80 -1.87 -7.60
CA ALA A 45 -31.28 -1.44 -8.92
C ALA A 45 -29.97 -2.20 -9.30
N TYR A 46 -29.43 -3.03 -8.41
CA TYR A 46 -28.14 -3.75 -8.61
C TYR A 46 -28.40 -5.17 -9.12
N SER A 47 -27.50 -5.71 -9.95
CA SER A 47 -27.57 -7.11 -10.45
C SER A 47 -27.17 -8.09 -9.34
N THR A 48 -26.46 -7.63 -8.28
CA THR A 48 -26.08 -8.46 -7.10
C THR A 48 -26.54 -7.76 -5.81
N ARG A 49 -27.24 -8.49 -4.95
CA ARG A 49 -27.98 -7.93 -3.79
C ARG A 49 -27.57 -8.64 -2.49
N PHE A 50 -26.53 -9.47 -2.53
CA PHE A 50 -26.07 -10.31 -1.40
C PHE A 50 -24.54 -10.24 -1.32
N GLY A 51 -24.00 -10.65 -0.18
CA GLY A 51 -22.56 -10.75 0.08
C GLY A 51 -22.30 -11.28 1.48
N GLY A 52 -21.04 -11.29 1.90
CA GLY A 52 -20.64 -11.74 3.24
C GLY A 52 -20.47 -10.56 4.15
N SER A 53 -21.51 -10.24 4.91
CA SER A 53 -21.53 -9.12 5.88
C SER A 53 -20.93 -9.59 7.18
N VAL A 54 -20.23 -8.73 7.91
CA VAL A 54 -19.92 -8.98 9.34
C VAL A 54 -21.22 -8.74 10.09
N LYS A 55 -21.68 -9.68 10.92
CA LYS A 55 -23.02 -9.62 11.55
C LYS A 55 -22.84 -9.32 13.04
N GLY A 56 -23.42 -8.22 13.53
CA GLY A 56 -23.44 -7.89 14.96
C GLY A 56 -22.10 -7.34 15.47
N PHE A 57 -21.28 -6.77 14.61
CA PHE A 57 -20.01 -6.14 15.03
C PHE A 57 -20.32 -5.06 16.06
N ASN A 58 -19.66 -5.14 17.21
CA ASN A 58 -19.79 -4.16 18.31
C ASN A 58 -18.47 -3.38 18.41
N VAL A 59 -18.37 -2.24 17.72
CA VAL A 59 -17.14 -1.40 17.79
C VAL A 59 -16.87 -0.99 19.25
N GLU A 60 -17.88 -0.87 20.11
CA GLU A 60 -17.68 -0.44 21.51
C GLU A 60 -17.10 -1.55 22.39
N GLU A 61 -16.80 -2.73 21.83
CA GLU A 61 -15.88 -3.71 22.46
C GLU A 61 -14.43 -3.27 22.32
N TYR A 62 -14.13 -2.29 21.47
CA TYR A 62 -12.74 -1.98 21.06
C TYR A 62 -12.45 -0.50 21.26
N LEU A 63 -13.38 0.38 20.85
CA LEU A 63 -13.13 1.84 20.72
C LEU A 63 -14.28 2.62 21.34
N SER A 64 -13.98 3.82 21.84
CA SER A 64 -14.98 4.83 22.26
C SER A 64 -15.90 5.19 21.08
N ALA A 65 -17.17 5.41 21.35
CA ALA A 65 -18.15 5.83 20.33
C ALA A 65 -17.63 7.13 19.68
N LYS A 66 -16.87 7.93 20.44
CA LYS A 66 -16.30 9.24 20.00
C LYS A 66 -15.24 9.05 18.90
N GLU A 67 -14.36 8.05 19.06
N GLU A 67 -14.37 8.06 19.07
CA GLU A 67 -13.32 7.68 18.05
CA GLU A 67 -13.36 7.68 18.06
C GLU A 67 -13.99 6.92 16.89
C GLU A 67 -14.06 6.97 16.89
N ALA A 68 -14.85 5.95 17.21
CA ALA A 68 -15.51 5.08 16.20
C ALA A 68 -16.20 5.90 15.11
N ARG A 69 -16.91 6.97 15.52
N ARG A 69 -16.90 6.98 15.49
CA ARG A 69 -17.68 7.86 14.61
CA ARG A 69 -17.70 7.79 14.55
C ARG A 69 -16.77 8.44 13.52
C ARG A 69 -16.80 8.53 13.55
N LYS A 70 -15.48 8.65 13.83
CA LYS A 70 -14.53 9.31 12.89
C LYS A 70 -14.03 8.34 11.81
N LEU A 71 -14.23 7.03 11.94
CA LEU A 71 -13.46 6.00 11.18
C LEU A 71 -14.39 5.21 10.28
N ASP A 72 -13.95 4.94 9.05
CA ASP A 72 -14.66 4.01 8.14
C ASP A 72 -14.74 2.62 8.78
N LEU A 73 -15.76 1.84 8.43
CA LEU A 73 -15.88 0.44 8.88
C LEU A 73 -14.59 -0.34 8.59
N PHE A 74 -13.91 -0.15 7.45
CA PHE A 74 -12.69 -0.96 7.15
C PHE A 74 -11.65 -0.72 8.25
N ILE A 75 -11.53 0.53 8.72
CA ILE A 75 -10.57 0.85 9.81
C ILE A 75 -11.06 0.20 11.09
N GLN A 76 -12.36 0.33 11.40
CA GLN A 76 -12.92 -0.28 12.61
C GLN A 76 -12.61 -1.79 12.58
N TYR A 77 -12.89 -2.47 11.45
CA TYR A 77 -12.70 -3.94 11.31
C TYR A 77 -11.20 -4.27 11.47
N GLY A 78 -10.34 -3.47 10.86
CA GLY A 78 -8.88 -3.67 10.94
C GLY A 78 -8.34 -3.59 12.36
N LEU A 79 -8.75 -2.56 13.10
CA LEU A 79 -8.39 -2.34 14.52
C LEU A 79 -8.94 -3.49 15.39
N ALA A 80 -10.20 -3.91 15.20
CA ALA A 80 -10.77 -5.04 15.99
C ALA A 80 -9.89 -6.27 15.82
N ALA A 81 -9.59 -6.62 14.57
CA ALA A 81 -8.79 -7.81 14.24
C ALA A 81 -7.38 -7.67 14.87
N SER A 82 -6.76 -6.48 14.75
CA SER A 82 -5.41 -6.17 15.28
C SER A 82 -5.41 -6.27 16.80
N PHE A 83 -6.41 -5.67 17.47
CA PHE A 83 -6.50 -5.74 18.95
C PHE A 83 -6.60 -7.22 19.38
N GLN A 84 -7.46 -7.99 18.71
CA GLN A 84 -7.66 -9.43 19.01
C GLN A 84 -6.30 -10.13 18.94
N ALA A 85 -5.55 -9.87 17.87
CA ALA A 85 -4.29 -10.56 17.54
C ALA A 85 -3.26 -10.23 18.63
N VAL A 86 -3.13 -8.95 18.95
CA VAL A 86 -2.14 -8.49 19.96
C VAL A 86 -2.49 -9.09 21.33
N ARG A 87 -3.75 -9.03 21.75
N ARG A 87 -3.75 -9.04 21.75
CA ARG A 87 -4.24 -9.66 23.01
CA ARG A 87 -4.24 -9.66 23.01
C ARG A 87 -3.90 -11.15 22.96
C ARG A 87 -3.93 -11.16 22.98
N ASP A 88 -4.27 -11.83 21.87
CA ASP A 88 -4.04 -13.29 21.67
C ASP A 88 -2.53 -13.60 21.79
N SER A 89 -1.63 -12.69 21.41
CA SER A 89 -0.17 -12.91 21.43
C SER A 89 0.38 -12.92 22.87
N GLY A 90 -0.29 -12.24 23.81
CA GLY A 90 0.20 -11.99 25.18
C GLY A 90 1.38 -11.04 25.23
N LEU A 91 1.72 -10.38 24.11
CA LEU A 91 2.90 -9.49 24.05
C LEU A 91 2.60 -8.23 24.88
N GLU A 92 3.57 -7.79 25.69
CA GLU A 92 3.49 -6.51 26.44
C GLU A 92 4.38 -5.49 25.73
N VAL A 93 3.78 -4.37 25.32
CA VAL A 93 4.51 -3.22 24.71
C VAL A 93 5.13 -2.40 25.83
N THR A 94 6.41 -2.06 25.71
CA THR A 94 7.19 -1.32 26.74
C THR A 94 8.12 -0.32 26.04
N ASP A 95 8.70 0.62 26.80
CA ASP A 95 9.75 1.51 26.26
C ASP A 95 10.91 0.66 25.74
N ALA A 96 11.14 -0.55 26.28
CA ALA A 96 12.26 -1.43 25.86
C ALA A 96 12.03 -2.04 24.48
N ASN A 97 10.79 -2.25 24.05
CA ASN A 97 10.54 -3.01 22.78
C ASN A 97 9.67 -2.23 21.78
N ARG A 98 9.15 -1.05 22.12
CA ARG A 98 8.12 -0.40 21.27
C ARG A 98 8.73 0.07 19.93
N GLU A 99 10.05 0.31 19.86
CA GLU A 99 10.68 0.78 18.59
C GLU A 99 10.83 -0.38 17.62
N ARG A 100 10.67 -1.62 18.11
CA ARG A 100 10.94 -2.86 17.37
C ARG A 100 9.63 -3.55 16.99
N ILE A 101 8.49 -2.91 17.27
CA ILE A 101 7.13 -3.44 16.94
C ILE A 101 6.49 -2.48 15.95
N GLY A 102 6.11 -2.99 14.78
CA GLY A 102 5.46 -2.20 13.73
C GLY A 102 4.15 -2.81 13.31
N VAL A 103 3.55 -2.25 12.27
CA VAL A 103 2.24 -2.70 11.77
C VAL A 103 2.22 -2.52 10.23
N SER A 104 1.67 -3.52 9.54
CA SER A 104 1.39 -3.50 8.09
C SER A 104 0.00 -4.11 7.90
N MET A 105 -1.01 -3.29 8.07
CA MET A 105 -2.42 -3.68 7.80
C MET A 105 -2.85 -2.93 6.54
N GLY A 106 -3.28 -3.71 5.54
CA GLY A 106 -3.53 -3.23 4.19
C GLY A 106 -5.02 -3.26 3.86
N SER A 107 -5.38 -2.61 2.78
CA SER A 107 -6.74 -2.70 2.20
C SER A 107 -6.68 -2.49 0.68
N GLY A 108 -7.65 -3.05 -0.04
CA GLY A 108 -7.84 -2.83 -1.48
C GLY A 108 -8.21 -1.39 -1.79
N ILE A 109 -9.31 -0.89 -1.21
CA ILE A 109 -9.80 0.50 -1.47
C ILE A 109 -9.95 1.30 -0.17
N GLY A 110 -9.95 0.67 1.01
CA GLY A 110 -10.10 1.40 2.27
C GLY A 110 -11.51 1.96 2.37
N GLY A 111 -11.68 3.23 2.73
CA GLY A 111 -12.95 3.76 3.24
C GLY A 111 -13.90 4.19 2.12
N LEU A 112 -14.39 3.22 1.33
CA LEU A 112 -15.25 3.51 0.14
C LEU A 112 -16.64 4.01 0.58
N THR A 113 -17.23 3.41 1.61
CA THR A 113 -18.48 3.87 2.26
C THR A 113 -18.33 5.34 2.63
N ASN A 114 -17.29 5.64 3.41
CA ASN A 114 -16.98 7.03 3.84
C ASN A 114 -16.86 7.92 2.61
N ILE A 115 -16.15 7.49 1.58
CA ILE A 115 -15.92 8.35 0.37
C ILE A 115 -17.27 8.60 -0.31
N GLU A 116 -18.07 7.56 -0.43
CA GLU A 116 -19.41 7.65 -1.06
C GLU A 116 -20.27 8.63 -0.24
N ASN A 117 -20.34 8.45 1.07
CA ASN A 117 -21.15 9.31 1.97
C ASN A 117 -20.71 10.78 1.85
N ASN A 118 -19.41 11.05 1.80
CA ASN A 118 -18.89 12.44 1.74
C ASN A 118 -19.09 12.98 0.33
N CYS A 119 -19.04 12.13 -0.69
CA CYS A 119 -19.42 12.51 -2.08
C CYS A 119 -20.89 12.94 -2.11
N ARG A 120 -21.79 12.20 -1.46
CA ARG A 120 -23.24 12.51 -1.36
C ARG A 120 -23.38 13.92 -0.78
N SER A 121 -22.76 14.20 0.37
CA SER A 121 -22.68 15.55 1.04
C SER A 121 -22.18 16.63 0.07
N LEU A 122 -21.05 16.37 -0.57
CA LEU A 122 -20.42 17.33 -1.51
C LEU A 122 -21.40 17.69 -2.63
N PHE A 123 -22.10 16.72 -3.23
CA PHE A 123 -22.94 16.95 -4.43
C PHE A 123 -24.29 17.58 -4.05
N GLU A 124 -24.86 17.16 -2.92
CA GLU A 124 -26.23 17.56 -2.48
C GLU A 124 -26.13 18.89 -1.69
N GLN A 125 -25.05 19.11 -0.94
CA GLN A 125 -24.96 20.24 0.02
C GLN A 125 -23.74 21.14 -0.21
N GLY A 126 -22.60 20.61 -0.66
CA GLY A 126 -21.41 21.42 -0.90
C GLY A 126 -20.24 21.03 -0.01
N PRO A 127 -19.04 21.61 -0.31
CA PRO A 127 -17.79 21.17 0.28
C PRO A 127 -17.76 21.42 1.78
N ARG A 128 -18.52 22.43 2.25
CA ARG A 128 -18.58 22.83 3.67
C ARG A 128 -19.24 21.72 4.49
N ARG A 129 -19.86 20.72 3.87
CA ARG A 129 -20.44 19.61 4.66
C ARG A 129 -19.53 18.38 4.63
N ILE A 130 -18.36 18.44 3.99
CA ILE A 130 -17.40 17.28 4.05
C ILE A 130 -16.92 17.22 5.51
N SER A 131 -16.87 16.03 6.11
CA SER A 131 -16.36 15.81 7.49
C SER A 131 -14.92 16.30 7.58
N PRO A 132 -14.52 16.97 8.70
CA PRO A 132 -13.11 17.26 8.96
C PRO A 132 -12.26 16.00 9.14
N PHE A 133 -12.92 14.88 9.44
CA PHE A 133 -12.28 13.56 9.74
C PHE A 133 -12.22 12.70 8.47
N PHE A 134 -12.69 13.24 7.33
CA PHE A 134 -12.87 12.52 6.05
C PHE A 134 -11.56 11.84 5.61
N VAL A 135 -10.46 12.58 5.59
CA VAL A 135 -9.16 12.05 5.07
C VAL A 135 -8.60 11.04 6.05
N PRO A 136 -8.30 11.39 7.33
CA PRO A 136 -7.73 10.43 8.26
C PRO A 136 -8.69 9.26 8.53
N GLY A 137 -9.98 9.46 8.28
CA GLY A 137 -10.99 8.41 8.56
C GLY A 137 -11.21 7.46 7.39
N SER A 138 -10.58 7.70 6.23
CA SER A 138 -10.90 6.97 4.96
C SER A 138 -9.66 6.35 4.32
N ILE A 139 -8.49 6.98 4.43
CA ILE A 139 -7.29 6.50 3.69
C ILE A 139 -6.73 5.21 4.30
N ILE A 140 -6.10 4.40 3.45
CA ILE A 140 -5.82 2.96 3.70
C ILE A 140 -4.83 2.80 4.87
N ASN A 141 -3.83 3.68 5.03
CA ASN A 141 -2.75 3.49 6.02
C ASN A 141 -3.19 3.78 7.45
N MET A 142 -4.47 4.08 7.71
CA MET A 142 -4.90 4.54 9.05
C MET A 142 -5.24 3.37 9.96
N VAL A 143 -5.33 2.13 9.45
CA VAL A 143 -5.35 0.99 10.39
C VAL A 143 -3.98 0.99 11.09
N SER A 144 -2.92 0.96 10.29
CA SER A 144 -1.51 1.01 10.77
C SER A 144 -1.34 2.23 11.67
N GLY A 145 -1.84 3.38 11.23
CA GLY A 145 -1.72 4.65 11.98
C GLY A 145 -2.40 4.55 13.33
N PHE A 146 -3.71 4.31 13.37
CA PHE A 146 -4.52 4.31 14.60
C PHE A 146 -4.03 3.19 15.53
N LEU A 147 -3.63 2.04 14.98
CA LEU A 147 -3.16 0.93 15.83
C LEU A 147 -1.91 1.39 16.58
N SER A 148 -0.97 1.99 15.84
N SER A 148 -0.96 1.96 15.84
CA SER A 148 0.32 2.47 16.39
CA SER A 148 0.33 2.48 16.38
C SER A 148 0.05 3.51 17.49
C SER A 148 0.04 3.50 17.49
N ILE A 149 -0.90 4.43 17.26
CA ILE A 149 -1.26 5.50 18.22
C ILE A 149 -1.81 4.88 19.52
N HIS A 150 -2.76 3.94 19.43
CA HIS A 150 -3.44 3.28 20.58
C HIS A 150 -2.48 2.38 21.36
N LEU A 151 -1.55 1.66 20.71
CA LEU A 151 -0.70 0.67 21.43
C LEU A 151 0.72 1.22 21.66
N GLY A 152 1.10 2.35 21.05
CA GLY A 152 2.43 2.95 21.13
C GLY A 152 3.48 2.15 20.34
N LEU A 153 3.16 1.74 19.09
CA LEU A 153 4.07 0.95 18.24
C LEU A 153 4.90 1.94 17.40
N GLN A 154 6.22 1.91 17.56
CA GLN A 154 7.10 2.92 16.91
C GLN A 154 7.97 2.26 15.83
N GLY A 155 7.79 0.97 15.60
CA GLY A 155 8.43 0.24 14.49
C GLY A 155 7.93 0.65 13.11
N PRO A 156 8.40 -0.05 12.06
CA PRO A 156 7.93 0.21 10.70
C PRO A 156 6.40 0.25 10.65
N ASN A 157 5.88 1.34 10.07
CA ASN A 157 4.44 1.66 10.02
C ASN A 157 4.08 1.89 8.56
N TYR A 158 3.32 1.00 7.93
CA TYR A 158 2.98 1.14 6.50
C TYR A 158 1.76 0.33 6.14
N ALA A 159 1.36 0.41 4.88
CA ALA A 159 0.16 -0.25 4.37
C ALA A 159 0.39 -0.61 2.90
N LEU A 160 0.06 -1.83 2.54
CA LEU A 160 0.04 -2.28 1.13
C LEU A 160 -1.36 -2.09 0.60
N THR A 161 -1.44 -1.91 -0.71
CA THR A 161 -2.71 -1.99 -1.44
C THR A 161 -2.43 -2.66 -2.78
N THR A 162 -2.71 -3.96 -2.85
CA THR A 162 -2.44 -4.83 -4.02
C THR A 162 -3.72 -5.60 -4.31
N ALA A 163 -4.85 -4.89 -4.23
CA ALA A 163 -6.16 -5.42 -4.62
C ALA A 163 -6.40 -6.72 -3.86
N GLN A 164 -6.80 -7.81 -4.53
CA GLN A 164 -7.21 -9.07 -3.84
C GLN A 164 -6.00 -9.82 -3.24
N THR A 165 -4.79 -9.31 -3.45
CA THR A 165 -3.52 -9.93 -2.96
C THR A 165 -3.06 -9.25 -1.67
N THR A 166 -3.71 -8.16 -1.27
CA THR A 166 -3.22 -7.23 -0.23
C THR A 166 -2.87 -7.98 1.06
N GLY A 167 -3.73 -8.87 1.54
CA GLY A 167 -3.52 -9.48 2.88
C GLY A 167 -2.31 -10.39 2.88
N THR A 168 -2.06 -11.06 1.77
CA THR A 168 -0.97 -12.05 1.65
C THR A 168 0.34 -11.26 1.59
N HIS A 169 0.39 -10.28 0.72
CA HIS A 169 1.57 -9.38 0.58
C HIS A 169 1.88 -8.72 1.93
N SER A 170 0.85 -8.20 2.61
CA SER A 170 1.05 -7.49 3.91
C SER A 170 1.78 -8.42 4.87
N ILE A 171 1.29 -9.67 4.99
CA ILE A 171 1.86 -10.69 5.90
C ILE A 171 3.28 -11.06 5.45
N GLY A 172 3.49 -11.40 4.18
CA GLY A 172 4.82 -11.76 3.65
C GLY A 172 5.91 -10.71 3.88
N MET A 173 5.60 -9.46 3.54
N MET A 173 5.60 -9.45 3.58
CA MET A 173 6.56 -8.32 3.63
CA MET A 173 6.58 -8.34 3.64
C MET A 173 6.83 -7.99 5.10
C MET A 173 6.81 -7.91 5.09
N ALA A 174 5.81 -8.04 5.96
CA ALA A 174 5.99 -7.91 7.44
C ALA A 174 6.97 -8.97 7.94
N ALA A 175 6.85 -10.21 7.46
CA ALA A 175 7.75 -11.33 7.81
C ALA A 175 9.18 -10.99 7.37
N ARG A 176 9.34 -10.44 6.16
CA ARG A 176 10.64 -9.97 5.64
C ARG A 176 11.23 -8.89 6.55
N ASN A 177 10.43 -7.92 7.00
CA ASN A 177 10.87 -6.88 7.97
C ASN A 177 11.56 -7.56 9.16
N ILE A 178 10.95 -8.62 9.66
CA ILE A 178 11.44 -9.32 10.88
C ILE A 178 12.66 -10.16 10.47
N ALA A 179 12.52 -10.94 9.40
CA ALA A 179 13.58 -11.78 8.84
C ALA A 179 14.89 -10.98 8.75
N TYR A 180 14.84 -9.76 8.22
CA TYR A 180 16.05 -8.94 7.93
C TYR A 180 16.43 -8.01 9.09
N GLY A 181 15.70 -8.02 10.20
CA GLY A 181 16.13 -7.28 11.41
C GLY A 181 15.60 -5.85 11.47
N GLU A 182 14.64 -5.47 10.62
CA GLU A 182 14.04 -4.11 10.66
C GLU A 182 13.04 -4.02 11.83
N ALA A 183 12.52 -5.15 12.32
CA ALA A 183 11.58 -5.23 13.47
C ALA A 183 11.74 -6.60 14.11
N ASP A 184 11.25 -6.78 15.33
CA ASP A 184 11.18 -8.08 16.02
C ASP A 184 9.75 -8.59 16.03
N VAL A 185 8.79 -7.66 15.93
CA VAL A 185 7.33 -7.99 15.98
C VAL A 185 6.64 -7.14 14.92
N MET A 186 5.67 -7.73 14.21
CA MET A 186 4.83 -6.96 13.28
C MET A 186 3.40 -7.46 13.43
N VAL A 187 2.48 -6.52 13.45
CA VAL A 187 1.03 -6.83 13.28
C VAL A 187 0.71 -6.62 11.80
N ALA A 188 0.22 -7.65 11.12
CA ALA A 188 0.07 -7.61 9.66
C ALA A 188 -1.18 -8.39 9.22
N GLY A 189 -1.79 -7.90 8.15
CA GLY A 189 -2.98 -8.52 7.56
C GLY A 189 -3.71 -7.47 6.77
N GLY A 190 -5.02 -7.54 6.77
CA GLY A 190 -5.78 -6.53 6.00
C GLY A 190 -7.22 -6.53 6.40
N SER A 191 -7.92 -5.52 5.88
CA SER A 191 -9.34 -5.27 6.20
C SER A 191 -9.96 -4.68 4.94
N GLU A 192 -11.21 -5.04 4.73
CA GLU A 192 -11.99 -4.53 3.61
C GLU A 192 -13.44 -4.37 4.02
N MET A 193 -14.07 -3.28 3.56
N MET A 193 -14.05 -3.27 3.58
CA MET A 193 -15.54 -3.07 3.60
CA MET A 193 -15.51 -3.03 3.59
C MET A 193 -15.96 -2.29 2.35
C MET A 193 -15.88 -2.27 2.33
N ALA A 194 -16.13 -3.00 1.24
CA ALA A 194 -16.40 -2.39 -0.07
C ALA A 194 -17.88 -2.58 -0.43
N ALA A 195 -18.70 -3.05 0.51
CA ALA A 195 -20.16 -3.29 0.30
C ALA A 195 -20.91 -1.96 0.44
N CYS A 196 -20.75 -1.12 -0.56
CA CYS A 196 -21.54 0.12 -0.78
C CYS A 196 -21.91 0.18 -2.26
N GLY A 197 -22.72 1.16 -2.69
CA GLY A 197 -23.16 1.23 -4.09
C GLY A 197 -21.97 1.23 -5.04
N LEU A 198 -20.90 1.95 -4.69
CA LEU A 198 -19.70 2.03 -5.56
C LEU A 198 -19.04 0.66 -5.72
N GLY A 199 -18.97 -0.15 -4.67
CA GLY A 199 -18.30 -1.46 -4.73
C GLY A 199 -19.15 -2.48 -5.49
N LEU A 200 -20.39 -2.65 -5.07
CA LEU A 200 -21.31 -3.63 -5.71
C LEU A 200 -21.57 -3.17 -7.14
N GLY A 201 -21.76 -1.85 -7.32
CA GLY A 201 -21.90 -1.22 -8.65
C GLY A 201 -20.66 -1.42 -9.50
N GLY A 202 -19.48 -1.12 -8.99
CA GLY A 202 -18.22 -1.20 -9.77
C GLY A 202 -17.91 -2.62 -10.23
N PHE A 203 -17.95 -3.58 -9.31
CA PHE A 203 -17.72 -4.99 -9.68
C PHE A 203 -18.88 -5.50 -10.54
N GLY A 204 -20.09 -5.01 -10.26
CA GLY A 204 -21.29 -5.28 -11.09
C GLY A 204 -21.09 -4.84 -12.53
N ALA A 205 -20.60 -3.63 -12.76
CA ALA A 205 -20.34 -3.08 -14.11
C ALA A 205 -19.35 -3.97 -14.87
N ALA A 206 -18.45 -4.67 -14.18
CA ALA A 206 -17.43 -5.53 -14.81
C ALA A 206 -17.95 -6.97 -14.94
N ARG A 207 -19.14 -7.26 -14.39
CA ARG A 207 -19.79 -8.60 -14.47
C ARG A 207 -18.93 -9.66 -13.78
N ALA A 208 -18.16 -9.27 -12.75
CA ALA A 208 -17.22 -10.10 -11.98
C ALA A 208 -17.94 -10.85 -10.85
N LEU A 209 -19.15 -10.42 -10.47
CA LEU A 209 -19.93 -10.92 -9.30
C LEU A 209 -20.95 -11.98 -9.71
N SER A 210 -21.11 -13.02 -8.90
CA SER A 210 -22.26 -13.94 -8.96
C SER A 210 -23.56 -13.12 -8.84
N THR A 211 -24.56 -13.46 -9.67
CA THR A 211 -25.91 -12.84 -9.63
C THR A 211 -26.92 -13.87 -9.12
N ARG A 212 -26.49 -14.88 -8.36
CA ARG A 212 -27.40 -15.90 -7.78
C ARG A 212 -28.17 -15.31 -6.58
N ASN A 213 -28.92 -14.22 -6.80
CA ASN A 213 -29.62 -13.48 -5.72
C ASN A 213 -30.64 -14.41 -5.03
N ASP A 214 -31.20 -15.36 -5.76
CA ASP A 214 -32.30 -16.21 -5.24
C ASP A 214 -31.75 -17.37 -4.40
N GLU A 215 -30.43 -17.58 -4.39
CA GLU A 215 -29.81 -18.64 -3.55
C GLU A 215 -28.41 -18.19 -3.14
N PRO A 216 -28.26 -17.16 -2.28
CA PRO A 216 -26.95 -16.58 -1.95
C PRO A 216 -25.93 -17.54 -1.33
N THR A 217 -26.34 -18.52 -0.51
CA THR A 217 -25.38 -19.45 0.16
C THR A 217 -24.76 -20.40 -0.88
N ARG A 218 -25.36 -20.53 -2.07
CA ARG A 218 -24.87 -21.43 -3.14
C ARG A 218 -24.13 -20.64 -4.22
N ALA A 219 -24.02 -19.31 -4.09
CA ALA A 219 -23.41 -18.41 -5.09
C ALA A 219 -21.92 -18.74 -5.27
N SER A 220 -21.21 -18.83 -4.16
CA SER A 220 -19.75 -19.07 -4.10
C SER A 220 -19.53 -20.58 -4.21
N ARG A 221 -19.04 -21.04 -5.35
CA ARG A 221 -18.96 -22.49 -5.69
C ARG A 221 -17.69 -22.69 -6.51
N PRO A 222 -16.51 -22.49 -5.89
CA PRO A 222 -15.25 -22.54 -6.62
C PRO A 222 -15.05 -23.90 -7.30
N TRP A 223 -14.64 -23.88 -8.58
CA TRP A 223 -14.35 -25.07 -9.43
C TRP A 223 -15.66 -25.78 -9.85
N ASP A 224 -16.83 -25.32 -9.39
CA ASP A 224 -18.13 -25.95 -9.78
C ASP A 224 -18.49 -25.48 -11.19
N ARG A 225 -19.02 -26.38 -12.04
CA ARG A 225 -19.28 -26.04 -13.47
C ARG A 225 -20.30 -24.89 -13.57
N ASP A 226 -21.13 -24.63 -12.56
CA ASP A 226 -22.22 -23.61 -12.61
C ASP A 226 -21.81 -22.32 -11.90
N ARG A 227 -20.52 -22.10 -11.62
CA ARG A 227 -20.02 -20.85 -10.96
C ARG A 227 -20.21 -19.67 -11.92
N ASP A 228 -20.42 -18.47 -11.39
CA ASP A 228 -20.74 -17.28 -12.23
C ASP A 228 -20.15 -16.00 -11.64
N GLY A 229 -19.06 -16.10 -10.87
CA GLY A 229 -18.33 -14.92 -10.36
C GLY A 229 -18.19 -14.94 -8.86
N PHE A 230 -17.50 -13.95 -8.31
CA PHE A 230 -17.15 -14.01 -6.88
C PHE A 230 -18.27 -13.37 -6.09
N VAL A 231 -18.28 -13.66 -4.81
CA VAL A 231 -19.22 -13.08 -3.82
C VAL A 231 -18.41 -12.08 -3.00
N LEU A 232 -18.91 -10.86 -2.89
CA LEU A 232 -18.22 -9.73 -2.19
C LEU A 232 -18.47 -9.85 -0.69
N SER A 233 -17.39 -9.84 0.10
CA SER A 233 -17.44 -10.04 1.56
C SER A 233 -16.55 -9.00 2.27
N ASP A 234 -16.86 -8.81 3.54
CA ASP A 234 -16.29 -7.76 4.42
C ASP A 234 -15.55 -8.44 5.56
N GLY A 235 -14.56 -7.73 6.10
CA GLY A 235 -13.94 -8.10 7.37
C GLY A 235 -12.46 -7.80 7.41
N SER A 236 -11.74 -8.58 8.20
N SER A 236 -11.74 -8.50 8.28
CA SER A 236 -10.36 -8.27 8.65
CA SER A 236 -10.30 -8.26 8.54
C SER A 236 -9.68 -9.55 9.18
C SER A 236 -9.67 -9.48 9.19
N GLY A 237 -8.39 -9.70 8.88
CA GLY A 237 -7.50 -10.68 9.51
C GLY A 237 -6.24 -9.94 9.92
N ALA A 238 -5.78 -10.21 11.12
CA ALA A 238 -4.50 -9.68 11.65
C ALA A 238 -3.76 -10.86 12.29
N LEU A 239 -2.45 -10.92 12.09
CA LEU A 239 -1.56 -11.89 12.75
C LEU A 239 -0.45 -11.11 13.45
N VAL A 240 -0.04 -11.58 14.62
CA VAL A 240 1.22 -11.11 15.24
C VAL A 240 2.35 -12.00 14.74
N LEU A 241 3.24 -11.43 13.94
CA LEU A 241 4.47 -12.08 13.44
C LEU A 241 5.58 -11.70 14.42
N GLU A 242 6.44 -12.65 14.77
CA GLU A 242 7.45 -12.45 15.84
C GLU A 242 8.75 -13.19 15.47
N GLU A 243 9.90 -12.56 15.63
CA GLU A 243 11.18 -13.29 15.47
C GLU A 243 11.16 -14.49 16.43
N LEU A 244 11.69 -15.64 15.98
CA LEU A 244 11.60 -16.93 16.71
C LEU A 244 12.26 -16.81 18.10
N GLU A 245 13.49 -16.29 18.18
CA GLU A 245 14.25 -16.23 19.46
C GLU A 245 13.51 -15.29 20.42
N HIS A 246 12.96 -14.18 19.91
CA HIS A 246 12.15 -13.22 20.71
C HIS A 246 10.93 -13.95 21.28
N ALA A 247 10.26 -14.82 20.50
CA ALA A 247 9.06 -15.54 20.98
C ALA A 247 9.49 -16.55 22.05
N ARG A 248 10.58 -17.28 21.79
CA ARG A 248 11.11 -18.32 22.72
C ARG A 248 11.48 -17.67 24.05
N ALA A 249 12.23 -16.56 23.97
CA ALA A 249 12.70 -15.75 25.12
C ALA A 249 11.54 -15.40 26.06
N ARG A 250 10.41 -14.91 25.53
CA ARG A 250 9.27 -14.47 26.39
C ARG A 250 8.30 -15.65 26.64
N GLY A 251 8.55 -16.84 26.12
CA GLY A 251 7.69 -18.02 26.37
C GLY A 251 6.37 -17.98 25.60
N ALA A 252 6.33 -17.36 24.42
CA ALA A 252 5.08 -17.20 23.64
C ALA A 252 4.56 -18.58 23.21
N ARG A 253 3.25 -18.75 23.20
CA ARG A 253 2.61 -19.83 22.43
C ARG A 253 2.86 -19.54 20.94
N ILE A 254 3.48 -20.46 20.23
CA ILE A 254 3.73 -20.36 18.77
C ILE A 254 2.71 -21.23 18.03
N TYR A 255 1.89 -20.64 17.17
CA TYR A 255 0.89 -21.38 16.38
C TYR A 255 1.58 -22.19 15.29
N ALA A 256 2.52 -21.56 14.60
CA ALA A 256 3.18 -22.13 13.40
C ALA A 256 4.30 -21.21 12.99
N GLU A 257 5.15 -21.69 12.08
CA GLU A 257 6.25 -20.92 11.50
C GLU A 257 5.87 -20.49 10.08
N LEU A 258 6.19 -19.24 9.73
N LEU A 258 6.22 -19.25 9.73
CA LEU A 258 6.09 -18.71 8.34
CA LEU A 258 6.11 -18.69 8.35
C LEU A 258 7.45 -18.91 7.68
C LEU A 258 7.45 -18.88 7.64
N VAL A 259 7.55 -19.89 6.78
CA VAL A 259 8.87 -20.34 6.19
C VAL A 259 9.06 -19.79 4.78
N GLY A 260 8.00 -19.34 4.12
CA GLY A 260 8.04 -19.06 2.68
C GLY A 260 7.13 -17.93 2.28
N PHE A 261 7.63 -17.12 1.37
CA PHE A 261 6.88 -16.01 0.76
C PHE A 261 7.35 -15.83 -0.67
N GLY A 262 6.37 -15.84 -1.57
CA GLY A 262 6.60 -15.54 -2.98
C GLY A 262 5.69 -14.43 -3.43
N MET A 263 6.21 -13.64 -4.35
CA MET A 263 5.46 -12.68 -5.16
C MET A 263 5.96 -12.86 -6.58
N SER A 264 5.10 -12.55 -7.53
CA SER A 264 5.43 -12.52 -8.98
C SER A 264 4.38 -11.64 -9.61
N GLY A 265 4.69 -11.02 -10.76
CA GLY A 265 3.67 -10.42 -11.63
C GLY A 265 3.41 -11.31 -12.82
N ASP A 266 2.14 -11.55 -13.13
CA ASP A 266 1.69 -12.18 -14.40
C ASP A 266 2.25 -11.40 -15.58
N ALA A 267 2.14 -10.06 -15.55
CA ALA A 267 2.44 -9.20 -16.70
C ALA A 267 1.56 -9.63 -17.87
N PHE A 268 0.33 -10.07 -17.58
CA PHE A 268 -0.60 -10.64 -18.59
C PHE A 268 -1.73 -9.64 -18.91
N HIS A 269 -2.60 -9.35 -17.94
CA HIS A 269 -3.85 -8.59 -18.16
C HIS A 269 -4.23 -7.82 -16.88
N MET A 270 -4.92 -6.68 -17.03
CA MET A 270 -5.28 -5.79 -15.90
C MET A 270 -6.15 -6.56 -14.90
N THR A 271 -7.00 -7.48 -15.36
CA THR A 271 -8.03 -8.14 -14.51
C THR A 271 -8.11 -9.66 -14.69
N ALA A 272 -7.80 -10.22 -15.86
CA ALA A 272 -7.95 -11.67 -16.14
C ALA A 272 -6.63 -12.38 -15.80
N PRO A 273 -6.68 -13.54 -15.12
CA PRO A 273 -5.49 -14.35 -14.91
C PRO A 273 -5.20 -15.09 -16.20
N PRO A 274 -3.94 -15.46 -16.51
CA PRO A 274 -3.70 -16.32 -17.67
C PRO A 274 -4.34 -17.69 -17.41
N GLU A 275 -4.89 -18.30 -18.46
CA GLU A 275 -5.59 -19.62 -18.40
C GLU A 275 -4.66 -20.71 -17.82
N ASP A 276 -3.37 -20.68 -18.17
CA ASP A 276 -2.36 -21.71 -17.79
C ASP A 276 -1.82 -21.49 -16.35
N GLY A 277 -2.15 -20.39 -15.70
CA GLY A 277 -1.72 -20.15 -14.30
C GLY A 277 -0.23 -19.89 -14.18
N ALA A 278 0.43 -19.40 -15.23
CA ALA A 278 1.90 -19.22 -15.33
C ALA A 278 2.41 -18.33 -14.16
N GLY A 279 1.76 -17.20 -13.88
CA GLY A 279 2.22 -16.26 -12.84
C GLY A 279 2.03 -16.82 -11.43
N ALA A 280 0.89 -17.47 -11.19
CA ALA A 280 0.58 -18.23 -9.96
C ALA A 280 1.64 -19.33 -9.74
N ALA A 281 2.02 -20.05 -10.80
CA ALA A 281 3.04 -21.13 -10.72
C ALA A 281 4.41 -20.51 -10.39
N ARG A 282 4.79 -19.41 -11.04
CA ARG A 282 6.07 -18.73 -10.73
C ARG A 282 6.06 -18.35 -9.24
N CYS A 283 4.92 -17.83 -8.77
CA CYS A 283 4.82 -17.31 -7.39
C CYS A 283 5.02 -18.47 -6.39
N MET A 284 4.31 -19.59 -6.56
CA MET A 284 4.35 -20.75 -5.63
C MET A 284 5.77 -21.33 -5.62
N LYS A 285 6.42 -21.42 -6.79
CA LYS A 285 7.81 -21.94 -6.88
C LYS A 285 8.77 -21.00 -6.14
N ASN A 286 8.63 -19.68 -6.30
CA ASN A 286 9.43 -18.69 -5.54
C ASN A 286 9.29 -18.95 -4.05
N ALA A 287 8.05 -19.16 -3.58
CA ALA A 287 7.72 -19.36 -2.15
C ALA A 287 8.31 -20.70 -1.66
N LEU A 288 8.24 -21.76 -2.45
CA LEU A 288 8.71 -23.10 -2.01
C LEU A 288 10.23 -23.09 -1.96
N ARG A 289 10.88 -22.41 -2.91
CA ARG A 289 12.35 -22.25 -2.93
C ARG A 289 12.78 -21.36 -1.75
N ASP A 290 12.04 -20.30 -1.47
CA ASP A 290 12.22 -19.42 -0.28
C ASP A 290 12.12 -20.26 1.00
N ALA A 291 11.25 -21.27 1.05
CA ALA A 291 11.06 -22.08 2.27
C ALA A 291 12.04 -23.27 2.31
N GLY A 292 12.89 -23.45 1.28
CA GLY A 292 13.85 -24.58 1.19
C GLY A 292 13.12 -25.92 1.17
N LEU A 293 11.98 -26.01 0.49
CA LEU A 293 11.12 -27.23 0.51
C LEU A 293 11.21 -27.99 -0.82
N ASP A 294 11.09 -29.31 -0.71
CA ASP A 294 10.59 -30.21 -1.78
C ASP A 294 9.11 -29.90 -1.93
N PRO A 295 8.58 -29.64 -3.14
CA PRO A 295 7.15 -29.40 -3.30
C PRO A 295 6.29 -30.54 -2.76
N ARG A 296 6.81 -31.78 -2.72
CA ARG A 296 6.03 -32.94 -2.21
C ARG A 296 5.77 -32.79 -0.71
N GLN A 297 6.38 -31.82 -0.01
CA GLN A 297 6.15 -31.61 1.45
C GLN A 297 4.82 -30.86 1.64
N VAL A 298 4.27 -30.25 0.59
CA VAL A 298 2.99 -29.49 0.70
C VAL A 298 1.81 -30.47 0.85
N ASP A 299 1.11 -30.38 1.99
CA ASP A 299 -0.06 -31.21 2.36
C ASP A 299 -1.37 -30.49 2.06
N TYR A 300 -1.41 -29.18 2.22
CA TYR A 300 -2.67 -28.39 2.14
C TYR A 300 -2.41 -27.05 1.46
N ILE A 301 -3.26 -26.70 0.51
CA ILE A 301 -3.28 -25.36 -0.12
C ILE A 301 -4.63 -24.70 0.14
N ASN A 302 -4.63 -23.56 0.81
CA ASN A 302 -5.80 -22.66 0.84
C ASN A 302 -5.71 -21.83 -0.42
N ALA A 303 -6.51 -22.22 -1.40
CA ALA A 303 -6.55 -21.64 -2.76
C ALA A 303 -7.07 -20.20 -2.68
N HIS A 304 -6.73 -19.39 -3.66
CA HIS A 304 -7.44 -18.10 -3.86
C HIS A 304 -8.91 -18.44 -4.13
N GLY A 305 -9.19 -19.29 -5.13
CA GLY A 305 -10.49 -19.99 -5.30
C GLY A 305 -11.68 -19.04 -5.24
N THR A 306 -11.73 -18.04 -6.12
CA THR A 306 -12.72 -16.91 -6.06
C THR A 306 -14.13 -17.31 -6.57
N SER A 307 -14.27 -18.44 -7.28
CA SER A 307 -15.53 -18.85 -7.95
C SER A 307 -15.76 -18.00 -9.22
N THR A 308 -14.69 -17.51 -9.85
CA THR A 308 -14.74 -17.04 -11.24
C THR A 308 -14.39 -18.19 -12.18
N PRO A 309 -15.02 -18.23 -13.36
CA PRO A 309 -14.68 -19.19 -14.41
C PRO A 309 -13.16 -19.25 -14.71
N ALA A 310 -12.51 -18.13 -15.04
CA ALA A 310 -11.09 -18.15 -15.48
C ALA A 310 -10.14 -18.34 -14.28
N GLY A 311 -10.38 -17.66 -13.15
CA GLY A 311 -9.49 -17.72 -11.97
C GLY A 311 -9.31 -19.13 -11.42
N ASP A 312 -10.43 -19.84 -11.23
CA ASP A 312 -10.47 -21.19 -10.62
C ASP A 312 -9.68 -22.19 -11.48
N ILE A 313 -9.88 -22.18 -12.79
CA ILE A 313 -9.21 -23.16 -13.70
C ILE A 313 -7.70 -22.79 -13.81
N ALA A 314 -7.35 -21.51 -13.89
CA ALA A 314 -5.93 -21.05 -13.84
C ALA A 314 -5.22 -21.71 -12.64
N GLU A 315 -5.88 -21.75 -11.48
CA GLU A 315 -5.29 -22.27 -10.21
C GLU A 315 -5.05 -23.76 -10.28
N ILE A 316 -5.98 -24.54 -10.83
CA ILE A 316 -5.74 -26.01 -11.00
C ILE A 316 -4.48 -26.17 -11.85
N ALA A 317 -4.39 -25.42 -12.94
CA ALA A 317 -3.31 -25.50 -13.94
C ALA A 317 -1.99 -25.16 -13.23
N ALA A 318 -1.96 -24.08 -12.45
CA ALA A 318 -0.74 -23.66 -11.69
C ALA A 318 -0.32 -24.76 -10.72
N VAL A 319 -1.26 -25.31 -9.94
CA VAL A 319 -1.00 -26.40 -8.95
C VAL A 319 -0.44 -27.64 -9.66
N LYS A 320 -1.05 -28.05 -10.79
CA LYS A 320 -0.58 -29.23 -11.58
C LYS A 320 0.84 -28.98 -12.09
N SER A 321 1.13 -27.79 -12.60
CA SER A 321 2.45 -27.43 -13.17
C SER A 321 3.52 -27.44 -12.07
N VAL A 322 3.18 -27.00 -10.85
CA VAL A 322 4.14 -26.87 -9.72
C VAL A 322 4.41 -28.24 -9.07
N PHE A 323 3.37 -29.04 -8.87
CA PHE A 323 3.44 -30.21 -7.97
C PHE A 323 3.42 -31.53 -8.76
N GLY A 324 3.20 -31.49 -10.08
CA GLY A 324 3.15 -32.69 -10.91
C GLY A 324 2.28 -33.76 -10.27
N GLU A 325 2.80 -34.98 -10.13
CA GLU A 325 1.99 -36.12 -9.61
C GLU A 325 1.57 -35.85 -8.16
N HIS A 326 2.39 -35.13 -7.38
CA HIS A 326 2.03 -34.80 -5.97
C HIS A 326 0.77 -33.91 -5.93
N ALA A 327 0.34 -33.34 -7.05
CA ALA A 327 -0.89 -32.49 -7.13
C ALA A 327 -2.12 -33.31 -6.75
N HIS A 328 -2.04 -34.64 -6.92
CA HIS A 328 -3.14 -35.61 -6.59
C HIS A 328 -3.08 -36.09 -5.13
N ALA A 329 -2.01 -35.80 -4.37
CA ALA A 329 -1.85 -36.28 -2.98
C ALA A 329 -2.22 -35.18 -1.97
N LEU A 330 -1.85 -33.92 -2.24
CA LEU A 330 -2.19 -32.76 -1.37
C LEU A 330 -3.71 -32.51 -1.39
N SER A 331 -4.22 -31.76 -0.42
CA SER A 331 -5.62 -31.24 -0.39
C SER A 331 -5.61 -29.74 -0.67
N MET A 332 -6.48 -29.30 -1.57
CA MET A 332 -6.65 -27.87 -1.86
C MET A 332 -8.12 -27.51 -1.68
N SER A 333 -8.39 -26.44 -0.94
CA SER A 333 -9.79 -25.99 -0.73
C SER A 333 -9.82 -24.46 -0.78
N SER A 334 -11.00 -23.97 -1.11
CA SER A 334 -11.34 -22.52 -1.08
C SER A 334 -12.37 -22.27 0.03
N THR A 335 -11.94 -21.61 1.10
CA THR A 335 -12.82 -21.19 2.22
C THR A 335 -13.70 -20.04 1.76
N LYS A 336 -13.42 -19.47 0.58
CA LYS A 336 -14.29 -18.46 -0.09
C LYS A 336 -15.63 -19.10 -0.47
N SER A 337 -15.70 -20.43 -0.58
CA SER A 337 -16.96 -21.18 -0.74
C SER A 337 -17.93 -20.79 0.38
N MET A 338 -17.40 -20.44 1.56
CA MET A 338 -18.15 -20.17 2.81
C MET A 338 -18.14 -18.68 3.20
N THR A 339 -16.99 -18.01 3.07
CA THR A 339 -16.78 -16.61 3.56
C THR A 339 -17.08 -15.59 2.48
N GLY A 340 -17.12 -16.05 1.22
CA GLY A 340 -16.93 -15.23 0.01
C GLY A 340 -15.57 -14.58 -0.01
N HIS A 341 -15.45 -13.53 -0.81
CA HIS A 341 -14.17 -12.89 -1.20
C HIS A 341 -14.00 -11.58 -0.43
N LEU A 342 -13.15 -11.59 0.60
CA LEU A 342 -12.91 -10.44 1.49
C LEU A 342 -11.86 -9.52 0.87
N LEU A 343 -11.53 -9.74 -0.40
CA LEU A 343 -10.73 -8.81 -1.20
C LEU A 343 -9.40 -8.57 -0.47
N GLY A 344 -9.08 -7.32 -0.13
CA GLY A 344 -7.82 -6.97 0.57
C GLY A 344 -7.60 -7.79 1.83
N ALA A 345 -8.67 -8.29 2.45
CA ALA A 345 -8.61 -9.08 3.70
C ALA A 345 -8.61 -10.59 3.42
N ALA A 346 -8.94 -11.03 2.21
CA ALA A 346 -8.95 -12.46 1.83
C ALA A 346 -7.64 -13.17 2.25
N GLY A 347 -6.49 -12.61 1.89
CA GLY A 347 -5.19 -13.23 2.19
C GLY A 347 -4.96 -13.32 3.69
N ALA A 348 -5.50 -12.39 4.46
CA ALA A 348 -5.24 -12.33 5.92
C ALA A 348 -6.10 -13.39 6.63
N VAL A 349 -7.41 -13.44 6.36
CA VAL A 349 -8.28 -14.47 7.01
C VAL A 349 -7.82 -15.87 6.56
N GLU A 350 -7.43 -16.02 5.30
CA GLU A 350 -7.00 -17.32 4.73
C GLU A 350 -5.63 -17.74 5.30
N ALA A 351 -4.70 -16.81 5.55
CA ALA A 351 -3.45 -17.16 6.27
C ALA A 351 -3.83 -17.74 7.64
N ILE A 352 -4.86 -17.19 8.29
CA ILE A 352 -5.29 -17.64 9.65
C ILE A 352 -5.90 -19.04 9.51
N PHE A 353 -6.73 -19.29 8.49
CA PHE A 353 -7.34 -20.62 8.27
C PHE A 353 -6.24 -21.65 7.97
N SER A 354 -5.19 -21.25 7.22
CA SER A 354 -4.01 -22.07 6.90
C SER A 354 -3.27 -22.51 8.18
N VAL A 355 -3.04 -21.57 9.11
CA VAL A 355 -2.38 -21.83 10.42
C VAL A 355 -3.26 -22.78 11.25
N LEU A 356 -4.58 -22.56 11.27
CA LEU A 356 -5.52 -23.41 12.05
C LEU A 356 -5.62 -24.80 11.41
N ALA A 357 -5.52 -24.88 10.08
CA ALA A 357 -5.47 -26.18 9.38
C ALA A 357 -4.27 -26.96 9.92
N LEU A 358 -3.16 -26.27 10.22
CA LEU A 358 -1.94 -26.91 10.78
C LEU A 358 -2.20 -27.28 12.25
N ARG A 359 -2.85 -26.41 13.03
CA ARG A 359 -3.05 -26.63 14.49
C ARG A 359 -3.95 -27.85 14.67
N ASP A 360 -5.03 -27.93 13.89
CA ASP A 360 -6.11 -28.94 14.09
C ASP A 360 -5.96 -30.13 13.15
N GLN A 361 -4.96 -30.13 12.27
CA GLN A 361 -4.73 -31.23 11.29
C GLN A 361 -6.02 -31.52 10.53
N VAL A 362 -6.55 -30.50 9.88
CA VAL A 362 -7.83 -30.65 9.12
C VAL A 362 -7.78 -29.71 7.93
N ALA A 363 -8.17 -30.22 6.77
CA ALA A 363 -8.40 -29.45 5.54
C ALA A 363 -9.86 -28.99 5.55
N PRO A 364 -10.09 -27.67 5.62
CA PRO A 364 -11.44 -27.12 5.44
C PRO A 364 -12.04 -27.48 4.09
N PRO A 365 -13.39 -27.60 4.01
CA PRO A 365 -14.06 -27.97 2.77
C PRO A 365 -14.16 -26.81 1.78
N THR A 366 -14.29 -27.14 0.50
CA THR A 366 -14.92 -26.27 -0.52
C THR A 366 -16.40 -26.67 -0.57
N ILE A 367 -17.30 -25.91 0.04
CA ILE A 367 -18.76 -26.20 -0.02
C ILE A 367 -19.26 -25.84 -1.42
N ASN A 368 -20.44 -26.38 -1.79
CA ASN A 368 -21.15 -26.09 -3.07
C ASN A 368 -20.46 -26.72 -4.28
N LEU A 369 -19.43 -27.54 -4.08
CA LEU A 369 -18.67 -28.18 -5.19
C LEU A 369 -19.43 -29.45 -5.60
N ASP A 370 -20.58 -29.27 -6.26
CA ASP A 370 -21.52 -30.37 -6.59
C ASP A 370 -21.05 -31.06 -7.87
N ASN A 371 -20.64 -30.28 -8.87
CA ASN A 371 -20.21 -30.80 -10.20
C ASN A 371 -18.89 -30.13 -10.56
N PRO A 372 -17.75 -30.69 -10.09
CA PRO A 372 -16.44 -30.19 -10.47
C PRO A 372 -16.39 -29.96 -11.98
N ASP A 373 -15.73 -28.89 -12.42
CA ASP A 373 -15.64 -28.51 -13.85
C ASP A 373 -14.53 -29.32 -14.54
N GLU A 374 -14.49 -29.23 -15.86
CA GLU A 374 -13.46 -29.85 -16.73
C GLU A 374 -12.09 -29.59 -16.09
N GLY A 375 -11.37 -30.67 -15.77
CA GLY A 375 -9.96 -30.65 -15.34
C GLY A 375 -9.80 -30.35 -13.86
N CYS A 376 -10.88 -30.08 -13.11
CA CYS A 376 -10.86 -29.77 -11.66
C CYS A 376 -10.97 -31.10 -10.91
N ASP A 377 -9.96 -31.95 -11.04
CA ASP A 377 -10.00 -33.40 -10.66
C ASP A 377 -8.96 -33.67 -9.58
N LEU A 378 -8.56 -32.63 -8.83
CA LEU A 378 -7.71 -32.76 -7.62
C LEU A 378 -8.60 -33.05 -6.40
N ASP A 379 -7.97 -33.36 -5.27
CA ASP A 379 -8.64 -33.39 -3.94
C ASP A 379 -8.95 -31.93 -3.56
N LEU A 380 -10.18 -31.49 -3.82
CA LEU A 380 -10.65 -30.12 -3.54
C LEU A 380 -11.51 -30.11 -2.25
N VAL A 381 -11.46 -31.19 -1.47
CA VAL A 381 -12.16 -31.34 -0.16
C VAL A 381 -13.62 -30.92 -0.34
N ALA A 382 -14.29 -31.43 -1.37
CA ALA A 382 -15.71 -31.09 -1.67
C ALA A 382 -16.58 -31.33 -0.44
N HIS A 383 -17.44 -30.38 -0.09
CA HIS A 383 -18.61 -30.55 0.83
C HIS A 383 -18.20 -30.57 2.31
N GLU A 384 -17.26 -31.44 2.73
CA GLU A 384 -17.01 -31.72 4.17
C GLU A 384 -15.53 -31.62 4.52
N ALA A 385 -15.24 -31.08 5.73
CA ALA A 385 -13.88 -30.95 6.28
C ALA A 385 -13.22 -32.33 6.23
N LYS A 386 -11.92 -32.38 5.95
CA LYS A 386 -11.15 -33.66 5.86
C LYS A 386 -10.01 -33.66 6.87
N PRO A 387 -10.14 -34.42 7.98
CA PRO A 387 -9.02 -34.61 8.90
C PRO A 387 -7.87 -35.29 8.14
N ARG A 388 -6.66 -34.77 8.25
CA ARG A 388 -5.50 -35.34 7.51
C ARG A 388 -4.23 -34.77 8.09
N LYS A 389 -3.13 -35.45 7.78
CA LYS A 389 -1.78 -34.98 8.17
C LYS A 389 -1.46 -33.72 7.36
N ILE A 390 -1.11 -32.65 8.05
CA ILE A 390 -0.67 -31.38 7.42
C ILE A 390 0.56 -30.88 8.18
N ASP A 391 1.72 -31.01 7.57
CA ASP A 391 2.95 -30.41 8.10
C ASP A 391 3.17 -29.04 7.43
N VAL A 392 2.83 -28.92 6.15
CA VAL A 392 3.11 -27.69 5.36
C VAL A 392 1.81 -27.26 4.66
N ALA A 393 1.48 -25.99 4.82
CA ALA A 393 0.27 -25.36 4.27
C ALA A 393 0.69 -24.13 3.48
N LEU A 394 0.08 -23.96 2.31
N LEU A 394 0.18 -24.04 2.24
CA LEU A 394 0.31 -22.86 1.34
CA LEU A 394 0.27 -22.86 1.34
C LEU A 394 -0.99 -22.06 1.20
C LEU A 394 -1.02 -22.04 1.46
N SER A 395 -0.91 -20.73 1.25
CA SER A 395 -2.05 -19.83 1.03
C SER A 395 -1.74 -18.97 -0.19
N ASN A 396 -2.58 -19.06 -1.22
CA ASN A 396 -2.40 -18.27 -2.47
C ASN A 396 -3.38 -17.11 -2.54
N SER A 397 -2.92 -16.00 -3.11
CA SER A 397 -3.77 -14.88 -3.53
C SER A 397 -3.27 -14.40 -4.89
N PHE A 398 -4.22 -14.01 -5.74
N PHE A 398 -4.20 -14.01 -5.77
CA PHE A 398 -3.99 -13.37 -7.06
CA PHE A 398 -3.93 -13.34 -7.06
C PHE A 398 -4.84 -12.09 -7.07
C PHE A 398 -4.91 -12.17 -7.22
N GLY A 399 -4.46 -11.08 -7.85
CA GLY A 399 -5.23 -9.83 -7.93
C GLY A 399 -5.06 -9.09 -9.22
N PHE A 400 -5.93 -8.10 -9.42
CA PHE A 400 -5.85 -7.09 -10.49
C PHE A 400 -4.42 -6.55 -10.57
N GLY A 401 -3.94 -6.37 -11.80
CA GLY A 401 -2.57 -5.94 -12.10
C GLY A 401 -1.67 -7.14 -12.29
N GLY A 402 -2.23 -8.35 -12.28
CA GLY A 402 -1.49 -9.62 -12.37
C GLY A 402 -0.56 -9.81 -11.19
N THR A 403 -1.00 -9.41 -10.00
N THR A 403 -1.01 -9.34 -10.02
CA THR A 403 -0.18 -9.42 -8.76
CA THR A 403 -0.31 -9.44 -8.73
C THR A 403 -0.48 -10.70 -7.97
C THR A 403 -0.50 -10.86 -8.19
N ASN A 404 0.57 -11.49 -7.66
CA ASN A 404 0.47 -12.83 -7.04
C ASN A 404 1.21 -12.81 -5.71
N GLY A 405 0.65 -13.51 -4.72
CA GLY A 405 1.31 -13.80 -3.44
C GLY A 405 1.08 -15.23 -3.00
N THR A 406 2.10 -15.81 -2.40
CA THR A 406 2.02 -17.14 -1.76
C THR A 406 2.71 -17.04 -0.40
N LEU A 407 2.09 -17.59 0.63
CA LEU A 407 2.69 -17.81 1.96
C LEU A 407 2.77 -19.30 2.24
N VAL A 408 3.87 -19.71 2.84
CA VAL A 408 4.16 -21.11 3.24
C VAL A 408 4.36 -21.11 4.75
N PHE A 409 3.51 -21.87 5.41
CA PHE A 409 3.52 -22.08 6.86
C PHE A 409 3.82 -23.57 7.11
N ARG A 410 4.44 -23.88 8.25
CA ARG A 410 4.62 -25.29 8.66
C ARG A 410 4.48 -25.38 10.17
N ARG A 411 4.22 -26.58 10.68
CA ARG A 411 4.14 -26.83 12.13
C ARG A 411 5.47 -26.45 12.78
N PHE A 412 5.40 -25.96 14.01
CA PHE A 412 6.59 -25.67 14.85
C PHE A 412 6.51 -26.49 16.14
N ALA A 413 7.60 -27.11 16.58
CA ALA A 413 7.68 -27.94 17.82
C ALA A 413 9.10 -27.92 18.38
N SER B 2 24.74 -10.03 5.03
CA SER B 2 25.36 -9.15 3.99
C SER B 2 24.30 -8.69 2.96
N ARG B 3 24.62 -7.64 2.22
CA ARG B 3 23.63 -6.81 1.48
C ARG B 3 24.21 -6.34 0.15
N ARG B 4 23.41 -6.32 -0.90
CA ARG B 4 23.88 -5.79 -2.20
C ARG B 4 23.71 -4.27 -2.21
N ARG B 5 24.46 -3.60 -3.06
CA ARG B 5 24.44 -2.14 -3.19
C ARG B 5 23.40 -1.75 -4.25
N VAL B 6 22.69 -0.63 -4.03
CA VAL B 6 21.56 -0.17 -4.89
C VAL B 6 21.86 1.23 -5.42
N VAL B 7 21.77 1.41 -6.73
CA VAL B 7 22.08 2.69 -7.40
C VAL B 7 20.85 3.11 -8.20
N ILE B 8 20.83 4.39 -8.57
CA ILE B 8 19.75 5.03 -9.35
C ILE B 8 20.28 5.24 -10.77
N THR B 9 19.64 4.62 -11.75
CA THR B 9 20.09 4.61 -13.16
C THR B 9 19.05 5.26 -14.08
N GLY B 10 17.89 5.64 -13.56
CA GLY B 10 16.84 6.33 -14.33
C GLY B 10 15.90 7.13 -13.47
N MET B 11 15.48 8.29 -13.94
CA MET B 11 14.46 9.10 -13.23
C MET B 11 13.43 9.64 -14.21
N GLY B 12 12.21 9.80 -13.69
CA GLY B 12 11.02 10.25 -14.43
C GLY B 12 10.12 11.07 -13.54
N MET B 13 9.42 12.05 -14.11
CA MET B 13 8.65 12.99 -13.27
C MET B 13 7.61 13.74 -14.10
N LEU B 14 6.43 13.96 -13.47
CA LEU B 14 5.49 15.05 -13.81
C LEU B 14 5.34 15.91 -12.55
N SER B 15 5.51 17.21 -12.68
CA SER B 15 5.34 18.10 -11.51
C SER B 15 4.65 19.38 -11.94
N PRO B 16 4.23 20.21 -10.96
CA PRO B 16 3.75 21.55 -11.27
C PRO B 16 4.82 22.43 -11.96
N LEU B 17 6.09 22.00 -12.02
CA LEU B 17 7.16 22.82 -12.64
C LEU B 17 7.48 22.37 -14.07
N GLY B 18 7.06 21.17 -14.47
CA GLY B 18 7.49 20.63 -15.78
C GLY B 18 6.99 19.22 -16.04
N LEU B 19 7.02 18.79 -17.30
CA LEU B 19 6.53 17.46 -17.72
C LEU B 19 7.67 16.43 -17.74
N ASP B 20 8.83 16.78 -17.20
CA ASP B 20 9.96 15.81 -17.08
C ASP B 20 10.91 16.31 -15.98
N VAL B 21 11.97 15.57 -15.70
CA VAL B 21 12.91 15.87 -14.60
C VAL B 21 13.70 17.14 -14.93
N PRO B 22 14.41 17.24 -16.08
CA PRO B 22 15.28 18.38 -16.32
C PRO B 22 14.51 19.71 -16.29
N SER B 23 13.30 19.76 -16.84
CA SER B 23 12.48 21.00 -16.85
C SER B 23 12.03 21.34 -15.41
N SER B 24 11.62 20.33 -14.62
CA SER B 24 11.22 20.50 -13.20
C SER B 24 12.39 21.04 -12.39
N TRP B 25 13.54 20.36 -12.50
CA TRP B 25 14.82 20.72 -11.82
C TRP B 25 15.28 22.14 -12.18
N GLU B 26 15.13 22.53 -13.45
CA GLU B 26 15.43 23.91 -13.90
C GLU B 26 14.57 24.91 -13.12
N GLY B 27 13.28 24.64 -12.96
CA GLY B 27 12.36 25.46 -12.15
C GLY B 27 12.82 25.55 -10.70
N ILE B 28 13.23 24.42 -10.13
CA ILE B 28 13.67 24.30 -8.72
C ILE B 28 14.88 25.22 -8.50
N LEU B 29 15.88 25.15 -9.36
CA LEU B 29 17.13 25.92 -9.16
C LEU B 29 16.88 27.41 -9.43
N ALA B 30 15.87 27.76 -10.23
CA ALA B 30 15.48 29.17 -10.50
C ALA B 30 14.50 29.71 -9.46
N GLY B 31 14.06 28.91 -8.49
CA GLY B 31 13.09 29.36 -7.46
C GLY B 31 11.72 29.67 -8.04
N ARG B 32 11.36 29.05 -9.16
CA ARG B 32 10.03 29.24 -9.79
C ARG B 32 8.96 28.51 -8.96
N SER B 33 7.78 29.09 -8.85
CA SER B 33 6.57 28.46 -8.28
C SER B 33 5.73 27.80 -9.39
N GLY B 34 5.19 26.63 -9.11
CA GLY B 34 4.25 25.94 -10.01
C GLY B 34 2.83 26.09 -9.52
N ILE B 35 2.60 26.98 -8.55
CA ILE B 35 1.27 27.11 -7.87
C ILE B 35 0.44 28.20 -8.56
N ALA B 36 -0.84 27.90 -8.78
CA ALA B 36 -1.76 28.81 -9.52
C ALA B 36 -3.21 28.43 -9.21
N PRO B 37 -4.15 29.38 -9.42
CA PRO B 37 -5.57 29.08 -9.32
C PRO B 37 -5.84 27.88 -10.22
N ILE B 38 -6.60 26.94 -9.68
CA ILE B 38 -7.02 25.69 -10.38
C ILE B 38 -8.07 26.05 -11.43
N GLU B 39 -7.88 25.61 -12.67
CA GLU B 39 -8.78 25.94 -13.80
C GLU B 39 -9.71 24.76 -14.05
N HIS B 40 -10.75 24.98 -14.89
CA HIS B 40 -11.76 23.96 -15.30
C HIS B 40 -12.17 23.16 -14.04
N MET B 41 -12.67 23.89 -13.04
CA MET B 41 -13.25 23.37 -11.78
C MET B 41 -13.74 24.57 -10.97
N ASP B 42 -15.00 24.57 -10.54
CA ASP B 42 -15.64 25.73 -9.85
C ASP B 42 -15.33 25.63 -8.35
N LEU B 43 -14.42 26.45 -7.85
CA LEU B 43 -13.97 26.34 -6.44
C LEU B 43 -14.54 27.51 -5.64
N SER B 44 -15.58 28.19 -6.16
CA SER B 44 -16.25 29.32 -5.47
C SER B 44 -16.55 28.97 -4.01
N ALA B 45 -17.09 27.78 -3.74
CA ALA B 45 -17.60 27.41 -2.40
C ALA B 45 -16.48 26.85 -1.52
N TYR B 46 -15.24 26.81 -2.02
CA TYR B 46 -14.08 26.23 -1.30
C TYR B 46 -13.26 27.36 -0.68
N SER B 47 -12.59 27.12 0.45
CA SER B 47 -11.70 28.12 1.12
C SER B 47 -10.33 28.17 0.43
N THR B 48 -9.96 27.15 -0.35
CA THR B 48 -8.72 27.12 -1.15
C THR B 48 -9.10 26.97 -2.63
N ARG B 49 -8.54 27.83 -3.52
CA ARG B 49 -8.91 27.86 -4.96
C ARG B 49 -7.69 27.60 -5.86
N PHE B 50 -6.54 27.31 -5.25
CA PHE B 50 -5.25 27.17 -5.97
C PHE B 50 -4.54 25.86 -5.55
N GLY B 51 -3.53 25.50 -6.31
CA GLY B 51 -2.72 24.27 -6.10
C GLY B 51 -1.63 24.19 -7.14
N GLY B 52 -0.82 23.12 -7.07
CA GLY B 52 0.16 22.74 -8.11
C GLY B 52 -0.46 21.72 -9.07
N SER B 53 -0.90 22.18 -10.22
CA SER B 53 -1.49 21.36 -11.30
C SER B 53 -0.38 20.96 -12.27
N VAL B 54 -0.48 19.78 -12.86
CA VAL B 54 0.39 19.40 -14.02
C VAL B 54 -0.15 20.13 -15.25
N LYS B 55 0.67 20.90 -15.94
CA LYS B 55 0.23 21.79 -17.06
C LYS B 55 0.69 21.21 -18.41
N GLY B 56 -0.27 20.91 -19.28
CA GLY B 56 -0.04 20.51 -20.69
C GLY B 56 0.29 19.03 -20.85
N PHE B 57 -0.09 18.18 -19.89
CA PHE B 57 0.19 16.73 -19.94
C PHE B 57 -0.55 16.13 -21.14
N ASN B 58 0.21 15.44 -21.97
CA ASN B 58 -0.27 14.72 -23.16
C ASN B 58 -0.09 13.22 -22.94
N VAL B 59 -1.13 12.54 -22.43
CA VAL B 59 -1.13 11.08 -22.12
C VAL B 59 -0.90 10.24 -23.40
N GLU B 60 -1.23 10.77 -24.58
CA GLU B 60 -1.07 10.04 -25.87
C GLU B 60 0.41 9.92 -26.28
N GLU B 61 1.35 10.62 -25.62
CA GLU B 61 2.80 10.31 -25.77
C GLU B 61 3.09 8.93 -25.16
N TYR B 62 2.21 8.42 -24.28
CA TYR B 62 2.50 7.19 -23.48
C TYR B 62 1.51 6.08 -23.86
N LEU B 63 0.23 6.44 -23.97
CA LEU B 63 -0.89 5.49 -24.16
C LEU B 63 -1.75 5.91 -25.34
N SER B 64 -2.45 4.93 -25.92
CA SER B 64 -3.55 5.20 -26.87
C SER B 64 -4.65 5.92 -26.08
N ALA B 65 -5.45 6.73 -26.77
CA ALA B 65 -6.63 7.40 -26.19
C ALA B 65 -7.52 6.35 -25.51
N LYS B 66 -7.67 5.19 -26.14
CA LYS B 66 -8.55 4.12 -25.61
C LYS B 66 -8.04 3.58 -24.27
N GLU B 67 -6.73 3.33 -24.12
N GLU B 67 -6.73 3.29 -24.19
CA GLU B 67 -6.20 2.79 -22.85
CA GLU B 67 -6.01 2.85 -22.96
C GLU B 67 -6.18 3.90 -21.79
C GLU B 67 -6.23 3.90 -21.85
N ALA B 68 -5.95 5.16 -22.17
CA ALA B 68 -5.99 6.32 -21.25
C ALA B 68 -7.39 6.52 -20.65
N ARG B 69 -8.46 6.37 -21.47
CA ARG B 69 -9.86 6.53 -21.01
C ARG B 69 -10.15 5.56 -19.86
N LYS B 70 -9.39 4.48 -19.73
CA LYS B 70 -9.68 3.43 -18.72
C LYS B 70 -9.04 3.79 -17.38
N LEU B 71 -8.19 4.84 -17.32
CA LEU B 71 -7.27 5.05 -16.17
C LEU B 71 -7.46 6.43 -15.56
N ASP B 72 -7.65 6.46 -14.26
CA ASP B 72 -7.63 7.72 -13.47
C ASP B 72 -6.35 8.49 -13.84
N LEU B 73 -6.42 9.83 -13.77
CA LEU B 73 -5.23 10.69 -13.93
C LEU B 73 -4.07 10.21 -13.04
N PHE B 74 -4.26 9.81 -11.78
CA PHE B 74 -3.11 9.44 -10.91
C PHE B 74 -2.34 8.29 -11.57
N ILE B 75 -3.05 7.38 -12.26
CA ILE B 75 -2.42 6.22 -12.93
C ILE B 75 -1.67 6.71 -14.18
N GLN B 76 -2.32 7.58 -14.96
CA GLN B 76 -1.69 8.18 -16.15
C GLN B 76 -0.37 8.84 -15.72
N TYR B 77 -0.39 9.60 -14.62
CA TYR B 77 0.81 10.38 -14.20
C TYR B 77 1.90 9.42 -13.77
N GLY B 78 1.50 8.36 -13.06
CA GLY B 78 2.41 7.31 -12.59
C GLY B 78 3.10 6.60 -13.74
N LEU B 79 2.31 6.20 -14.73
CA LEU B 79 2.82 5.52 -15.95
C LEU B 79 3.76 6.47 -16.70
N ALA B 80 3.41 7.74 -16.84
CA ALA B 80 4.28 8.73 -17.50
C ALA B 80 5.67 8.75 -16.83
N ALA B 81 5.69 8.97 -15.52
CA ALA B 81 6.96 9.04 -14.75
C ALA B 81 7.72 7.71 -14.93
N SER B 82 7.03 6.57 -14.85
CA SER B 82 7.65 5.22 -14.89
C SER B 82 8.28 4.98 -16.26
N PHE B 83 7.54 5.29 -17.33
CA PHE B 83 8.03 5.12 -18.72
C PHE B 83 9.25 6.03 -18.93
N GLN B 84 9.22 7.27 -18.42
CA GLN B 84 10.38 8.21 -18.50
C GLN B 84 11.60 7.56 -17.81
N ALA B 85 11.40 7.02 -16.61
CA ALA B 85 12.47 6.51 -15.73
C ALA B 85 13.14 5.32 -16.44
N VAL B 86 12.33 4.43 -16.99
CA VAL B 86 12.82 3.20 -17.66
C VAL B 86 13.59 3.60 -18.95
N ARG B 87 13.02 4.48 -19.76
CA ARG B 87 13.73 5.03 -20.94
C ARG B 87 15.03 5.71 -20.47
N ASP B 88 14.97 6.50 -19.39
CA ASP B 88 16.17 7.21 -18.87
C ASP B 88 17.25 6.19 -18.47
N SER B 89 16.87 4.99 -18.03
CA SER B 89 17.85 4.00 -17.49
C SER B 89 18.61 3.30 -18.62
N GLY B 90 18.02 3.26 -19.83
CA GLY B 90 18.54 2.48 -20.97
C GLY B 90 18.37 0.98 -20.74
N LEU B 91 17.68 0.55 -19.68
CA LEU B 91 17.50 -0.91 -19.39
C LEU B 91 16.81 -1.61 -20.56
N GLU B 92 17.33 -2.76 -20.95
CA GLU B 92 16.72 -3.66 -21.94
C GLU B 92 16.12 -4.85 -21.18
N VAL B 93 14.79 -4.95 -21.19
CA VAL B 93 14.05 -6.07 -20.55
C VAL B 93 14.10 -7.26 -21.53
N THR B 94 14.48 -8.45 -21.06
CA THR B 94 14.62 -9.70 -21.85
C THR B 94 13.99 -10.88 -21.12
N ASP B 95 13.74 -11.98 -21.84
CA ASP B 95 13.33 -13.25 -21.19
C ASP B 95 14.34 -13.62 -20.11
N ALA B 96 15.62 -13.26 -20.25
CA ALA B 96 16.70 -13.63 -19.31
C ALA B 96 16.59 -12.84 -18.00
N ASN B 97 15.92 -11.67 -17.98
CA ASN B 97 15.97 -10.80 -16.77
C ASN B 97 14.57 -10.34 -16.30
N ARG B 98 13.51 -10.60 -17.05
CA ARG B 98 12.18 -10.02 -16.75
C ARG B 98 11.67 -10.50 -15.37
N GLU B 99 12.06 -11.68 -14.89
CA GLU B 99 11.62 -12.17 -13.54
C GLU B 99 12.38 -11.42 -12.43
N ARG B 100 13.41 -10.65 -12.76
CA ARG B 100 14.26 -9.96 -11.79
C ARG B 100 13.93 -8.47 -11.78
N ILE B 101 12.89 -8.06 -12.50
CA ILE B 101 12.52 -6.62 -12.63
C ILE B 101 11.09 -6.48 -12.12
N GLY B 102 10.91 -5.65 -11.09
CA GLY B 102 9.64 -5.44 -10.42
C GLY B 102 9.27 -3.97 -10.36
N VAL B 103 8.10 -3.70 -9.79
N VAL B 103 8.14 -3.67 -9.74
CA VAL B 103 7.51 -2.33 -9.67
CA VAL B 103 7.61 -2.28 -9.67
C VAL B 103 6.91 -2.15 -8.28
C VAL B 103 6.83 -2.09 -8.36
N SER B 104 7.08 -0.96 -7.71
CA SER B 104 6.38 -0.51 -6.49
C SER B 104 6.14 0.98 -6.70
N MET B 105 5.04 1.30 -7.36
CA MET B 105 4.55 2.67 -7.53
C MET B 105 3.30 2.82 -6.66
N GLY B 106 3.33 3.78 -5.74
CA GLY B 106 2.25 3.98 -4.77
C GLY B 106 1.48 5.27 -5.00
N SER B 107 0.43 5.43 -4.21
CA SER B 107 -0.40 6.66 -4.12
C SER B 107 -0.98 6.76 -2.71
N GLY B 108 -1.20 8.00 -2.26
CA GLY B 108 -1.95 8.37 -1.03
C GLY B 108 -3.41 7.97 -1.09
N ILE B 109 -4.20 8.45 -2.06
CA ILE B 109 -5.62 7.97 -2.23
C ILE B 109 -5.76 7.16 -3.52
N GLY B 110 -5.12 7.59 -4.60
CA GLY B 110 -5.41 6.98 -5.90
C GLY B 110 -6.57 7.72 -6.51
N GLY B 111 -7.61 6.99 -6.92
CA GLY B 111 -8.51 7.44 -8.00
C GLY B 111 -9.69 8.28 -7.52
N LEU B 112 -9.47 9.21 -6.61
CA LEU B 112 -10.53 10.12 -6.09
C LEU B 112 -11.31 10.77 -7.21
N THR B 113 -10.63 11.24 -8.27
CA THR B 113 -11.27 12.00 -9.35
C THR B 113 -12.27 11.08 -10.06
N ASN B 114 -11.81 9.87 -10.42
N ASN B 114 -11.85 9.85 -10.37
CA ASN B 114 -12.64 8.79 -11.02
CA ASN B 114 -12.72 8.86 -11.05
C ASN B 114 -13.81 8.47 -10.08
C ASN B 114 -13.83 8.40 -10.09
N ILE B 115 -13.52 8.25 -8.80
CA ILE B 115 -14.55 7.89 -7.76
C ILE B 115 -15.61 9.00 -7.71
N GLU B 116 -15.18 10.25 -7.74
CA GLU B 116 -16.06 11.44 -7.68
C GLU B 116 -16.98 11.45 -8.90
N ASN B 117 -16.43 11.23 -10.09
CA ASN B 117 -17.20 11.24 -11.36
C ASN B 117 -18.14 10.04 -11.44
N ASN B 118 -17.86 8.93 -10.76
CA ASN B 118 -18.73 7.73 -10.83
C ASN B 118 -19.84 7.83 -9.77
N CYS B 119 -19.55 8.47 -8.64
CA CYS B 119 -20.55 8.89 -7.63
C CYS B 119 -21.64 9.73 -8.27
N ARG B 120 -21.23 10.71 -9.08
CA ARG B 120 -22.12 11.59 -9.88
C ARG B 120 -23.11 10.69 -10.65
N SER B 121 -22.61 9.82 -11.55
CA SER B 121 -23.45 8.88 -12.35
C SER B 121 -24.32 8.04 -11.40
N LEU B 122 -23.77 7.53 -10.31
CA LEU B 122 -24.47 6.60 -9.36
C LEU B 122 -25.66 7.29 -8.69
N PHE B 123 -25.49 8.51 -8.21
CA PHE B 123 -26.55 9.27 -7.49
C PHE B 123 -27.60 9.77 -8.48
N GLU B 124 -27.15 10.30 -9.63
CA GLU B 124 -28.04 10.90 -10.67
C GLU B 124 -28.86 9.80 -11.36
N GLN B 125 -28.19 8.72 -11.81
N GLN B 125 -28.22 8.71 -11.82
CA GLN B 125 -28.74 7.72 -12.79
CA GLN B 125 -28.86 7.71 -12.73
C GLN B 125 -28.77 6.30 -12.20
C GLN B 125 -28.71 6.27 -12.23
N GLY B 126 -28.13 6.03 -11.05
CA GLY B 126 -28.04 4.67 -10.46
C GLY B 126 -26.86 3.84 -11.03
N PRO B 127 -26.64 2.60 -10.55
CA PRO B 127 -25.42 1.84 -10.86
C PRO B 127 -25.15 1.49 -12.34
N ARG B 128 -26.15 1.60 -13.20
CA ARG B 128 -26.04 1.03 -14.57
C ARG B 128 -25.14 1.92 -15.42
N ARG B 129 -24.84 3.14 -14.99
CA ARG B 129 -23.92 4.05 -15.72
C ARG B 129 -22.48 3.91 -15.22
N ILE B 130 -22.19 3.05 -14.25
CA ILE B 130 -20.80 2.86 -13.74
C ILE B 130 -20.00 2.14 -14.82
N SER B 131 -18.82 2.65 -15.13
CA SER B 131 -17.90 2.06 -16.13
C SER B 131 -17.45 0.67 -15.67
N PRO B 132 -17.40 -0.30 -16.61
CA PRO B 132 -16.79 -1.61 -16.36
C PRO B 132 -15.33 -1.55 -15.88
N PHE B 133 -14.63 -0.47 -16.22
CA PHE B 133 -13.18 -0.26 -15.92
C PHE B 133 -13.04 0.60 -14.66
N PHE B 134 -14.16 0.94 -14.02
CA PHE B 134 -14.19 1.73 -12.77
C PHE B 134 -13.20 1.18 -11.72
N VAL B 135 -13.29 -0.09 -11.37
CA VAL B 135 -12.44 -0.66 -10.28
C VAL B 135 -10.97 -0.69 -10.73
N PRO B 136 -10.60 -1.37 -11.85
CA PRO B 136 -9.19 -1.48 -12.23
C PRO B 136 -8.61 -0.11 -12.62
N GLY B 137 -9.46 0.81 -13.09
CA GLY B 137 -9.07 2.17 -13.50
C GLY B 137 -8.84 3.11 -12.33
N SER B 138 -9.12 2.68 -11.09
CA SER B 138 -9.18 3.57 -9.90
C SER B 138 -8.27 3.11 -8.77
N ILE B 139 -7.86 1.85 -8.72
CA ILE B 139 -7.18 1.27 -7.53
C ILE B 139 -5.69 1.53 -7.63
N ILE B 140 -5.07 1.68 -6.46
CA ILE B 140 -3.72 2.27 -6.33
C ILE B 140 -2.67 1.39 -7.02
N ASN B 141 -2.85 0.07 -7.01
CA ASN B 141 -1.83 -0.88 -7.53
C ASN B 141 -1.87 -1.00 -9.06
N MET B 142 -2.67 -0.21 -9.79
CA MET B 142 -2.75 -0.30 -11.27
C MET B 142 -1.60 0.41 -11.97
N VAL B 143 -0.85 1.29 -11.30
CA VAL B 143 0.40 1.82 -11.91
C VAL B 143 1.41 0.67 -12.00
N SER B 144 1.68 -0.01 -10.89
CA SER B 144 2.51 -1.24 -10.87
C SER B 144 1.93 -2.26 -11.87
N GLY B 145 0.62 -2.51 -11.82
CA GLY B 145 -0.03 -3.50 -12.70
C GLY B 145 0.17 -3.16 -14.17
N PHE B 146 -0.25 -1.96 -14.61
CA PHE B 146 -0.21 -1.58 -16.04
C PHE B 146 1.26 -1.51 -16.50
N LEU B 147 2.17 -1.00 -15.68
CA LEU B 147 3.60 -0.91 -16.07
C LEU B 147 4.14 -2.33 -16.32
N SER B 148 3.90 -3.23 -15.37
N SER B 148 3.90 -3.23 -15.36
CA SER B 148 4.35 -4.65 -15.45
CA SER B 148 4.30 -4.66 -15.41
C SER B 148 3.82 -5.29 -16.73
C SER B 148 3.82 -5.28 -16.73
N ILE B 149 2.54 -5.11 -17.05
CA ILE B 149 1.93 -5.68 -18.28
C ILE B 149 2.57 -5.05 -19.52
N HIS B 150 2.69 -3.73 -19.57
CA HIS B 150 3.20 -3.03 -20.75
C HIS B 150 4.65 -3.45 -21.03
N LEU B 151 5.49 -3.60 -19.99
CA LEU B 151 6.95 -3.83 -20.19
C LEU B 151 7.28 -5.30 -19.98
N GLY B 152 6.32 -6.15 -19.57
CA GLY B 152 6.60 -7.57 -19.31
C GLY B 152 7.44 -7.78 -18.06
N LEU B 153 7.20 -7.01 -16.99
CA LEU B 153 7.97 -7.13 -15.73
C LEU B 153 7.30 -8.18 -14.84
N GLN B 154 8.08 -9.17 -14.42
CA GLN B 154 7.55 -10.36 -13.71
C GLN B 154 8.14 -10.44 -12.31
N GLY B 155 8.94 -9.43 -11.92
CA GLY B 155 9.49 -9.36 -10.55
C GLY B 155 8.42 -8.97 -9.54
N PRO B 156 8.81 -8.66 -8.29
CA PRO B 156 7.87 -8.23 -7.25
C PRO B 156 7.02 -7.06 -7.78
N ASN B 157 5.69 -7.20 -7.66
N ASN B 157 5.70 -7.19 -7.60
CA ASN B 157 4.71 -6.20 -8.15
CA ASN B 157 4.67 -6.26 -8.15
C ASN B 157 3.76 -5.83 -7.02
C ASN B 157 3.74 -5.84 -7.00
N TYR B 158 3.91 -4.61 -6.50
CA TYR B 158 3.14 -4.15 -5.32
C TYR B 158 3.02 -2.64 -5.35
N ALA B 159 2.25 -2.12 -4.40
CA ALA B 159 2.00 -0.68 -4.21
C ALA B 159 1.86 -0.41 -2.72
N LEU B 160 2.53 0.66 -2.28
CA LEU B 160 2.41 1.23 -0.92
C LEU B 160 1.33 2.33 -0.93
N THR B 161 0.69 2.53 0.20
CA THR B 161 -0.17 3.71 0.46
C THR B 161 0.10 4.10 1.92
N THR B 162 1.02 5.03 2.14
CA THR B 162 1.36 5.59 3.45
C THR B 162 1.19 7.10 3.40
N ALA B 163 0.05 7.54 2.88
CA ALA B 163 -0.35 8.97 2.83
C ALA B 163 0.79 9.80 2.24
N GLN B 164 1.24 10.82 2.96
CA GLN B 164 2.30 11.76 2.48
C GLN B 164 3.69 11.09 2.50
N THR B 165 3.80 9.84 2.97
CA THR B 165 5.09 9.10 3.09
C THR B 165 5.26 8.10 1.95
N THR B 166 4.22 7.90 1.14
CA THR B 166 4.14 6.84 0.11
C THR B 166 5.41 6.79 -0.76
N GLY B 167 5.79 7.90 -1.41
CA GLY B 167 6.90 7.92 -2.37
C GLY B 167 8.21 7.50 -1.72
N THR B 168 8.45 7.92 -0.48
CA THR B 168 9.68 7.61 0.28
C THR B 168 9.66 6.11 0.64
N HIS B 169 8.56 5.61 1.14
CA HIS B 169 8.47 4.18 1.53
C HIS B 169 8.62 3.31 0.27
N SER B 170 8.00 3.70 -0.85
CA SER B 170 7.99 2.89 -2.10
C SER B 170 9.44 2.69 -2.54
N ILE B 171 10.18 3.77 -2.57
CA ILE B 171 11.59 3.78 -3.03
C ILE B 171 12.42 2.95 -2.04
N GLY B 172 12.27 3.19 -0.75
CA GLY B 172 13.02 2.50 0.31
C GLY B 172 12.82 1.00 0.28
N MET B 173 11.56 0.55 0.23
N MET B 173 11.56 0.55 0.19
CA MET B 173 11.20 -0.89 0.23
CA MET B 173 11.24 -0.90 0.24
C MET B 173 11.69 -1.54 -1.07
C MET B 173 11.59 -1.58 -1.09
N ALA B 174 11.65 -0.82 -2.19
CA ALA B 174 12.14 -1.32 -3.49
C ALA B 174 13.66 -1.55 -3.37
N ALA B 175 14.36 -0.61 -2.75
CA ALA B 175 15.82 -0.67 -2.53
C ALA B 175 16.10 -1.93 -1.73
N ARG B 176 15.31 -2.20 -0.68
CA ARG B 176 15.45 -3.43 0.15
C ARG B 176 15.27 -4.70 -0.69
N ASN B 177 14.25 -4.74 -1.57
CA ASN B 177 14.02 -5.91 -2.46
C ASN B 177 15.33 -6.22 -3.19
N ILE B 178 16.01 -5.18 -3.69
CA ILE B 178 17.23 -5.39 -4.50
C ILE B 178 18.37 -5.80 -3.54
N ALA B 179 18.52 -5.09 -2.43
CA ALA B 179 19.61 -5.31 -1.44
C ALA B 179 19.61 -6.77 -1.00
N TYR B 180 18.45 -7.34 -0.76
CA TYR B 180 18.34 -8.70 -0.18
C TYR B 180 18.07 -9.71 -1.30
N GLY B 181 18.28 -9.31 -2.55
CA GLY B 181 18.38 -10.25 -3.68
C GLY B 181 17.03 -10.75 -4.19
N GLU B 182 15.92 -10.09 -3.89
CA GLU B 182 14.55 -10.49 -4.36
C GLU B 182 14.32 -9.97 -5.79
N ALA B 183 15.08 -8.96 -6.21
CA ALA B 183 15.01 -8.36 -7.56
C ALA B 183 16.39 -7.78 -7.89
N ASP B 184 16.68 -7.57 -9.16
CA ASP B 184 17.90 -6.85 -9.61
C ASP B 184 17.54 -5.41 -9.94
N VAL B 185 16.30 -5.17 -10.36
CA VAL B 185 15.82 -3.83 -10.81
C VAL B 185 14.42 -3.61 -10.25
N MET B 186 14.14 -2.39 -9.80
CA MET B 186 12.76 -1.99 -9.43
C MET B 186 12.51 -0.59 -9.99
N VAL B 187 11.30 -0.37 -10.49
CA VAL B 187 10.78 1.00 -10.79
C VAL B 187 9.95 1.40 -9.56
N ALA B 188 10.31 2.48 -8.87
CA ALA B 188 9.67 2.81 -7.58
C ALA B 188 9.38 4.30 -7.49
N GLY B 189 8.33 4.63 -6.76
CA GLY B 189 7.94 6.02 -6.55
C GLY B 189 6.48 6.11 -6.27
N GLY B 190 5.85 7.19 -6.73
CA GLY B 190 4.46 7.48 -6.37
C GLY B 190 3.85 8.47 -7.33
N SER B 191 2.54 8.52 -7.37
CA SER B 191 1.78 9.49 -8.18
C SER B 191 0.52 9.90 -7.42
N GLU B 192 0.03 11.08 -7.74
CA GLU B 192 -1.14 11.62 -7.01
C GLU B 192 -1.85 12.65 -7.87
N MET B 193 -3.18 12.60 -7.85
N MET B 193 -3.18 12.61 -7.81
CA MET B 193 -4.07 13.64 -8.43
CA MET B 193 -4.10 13.59 -8.44
C MET B 193 -5.33 13.68 -7.56
C MET B 193 -5.36 13.69 -7.57
N ALA B 194 -5.29 14.50 -6.50
CA ALA B 194 -6.38 14.64 -5.51
C ALA B 194 -6.93 16.07 -5.59
N ALA B 195 -6.67 16.79 -6.69
CA ALA B 195 -7.29 18.10 -6.99
C ALA B 195 -8.71 17.86 -7.52
N CYS B 196 -9.59 17.30 -6.69
CA CYS B 196 -11.04 17.22 -6.94
C CYS B 196 -11.76 17.80 -5.73
N GLY B 197 -13.10 17.86 -5.79
CA GLY B 197 -13.91 18.39 -4.68
C GLY B 197 -13.54 17.68 -3.39
N LEU B 198 -13.49 16.35 -3.44
CA LEU B 198 -13.25 15.52 -2.24
C LEU B 198 -11.86 15.79 -1.65
N GLY B 199 -10.84 16.05 -2.48
CA GLY B 199 -9.47 16.33 -2.02
C GLY B 199 -9.34 17.73 -1.44
N LEU B 200 -9.63 18.76 -2.25
CA LEU B 200 -9.63 20.16 -1.79
C LEU B 200 -10.62 20.35 -0.64
N GLY B 201 -11.81 19.79 -0.78
CA GLY B 201 -12.87 19.80 0.25
C GLY B 201 -12.46 19.04 1.50
N GLY B 202 -11.84 17.86 1.35
CA GLY B 202 -11.45 16.99 2.48
C GLY B 202 -10.42 17.64 3.36
N PHE B 203 -9.34 18.11 2.76
CA PHE B 203 -8.23 18.83 3.43
C PHE B 203 -8.74 20.18 3.95
N GLY B 204 -9.57 20.86 3.15
CA GLY B 204 -10.24 22.13 3.52
C GLY B 204 -11.03 21.99 4.80
N ALA B 205 -11.81 20.91 4.97
CA ALA B 205 -12.66 20.67 6.15
C ALA B 205 -11.80 20.48 7.41
N ALA B 206 -10.59 19.91 7.28
CA ALA B 206 -9.62 19.75 8.39
C ALA B 206 -8.84 21.05 8.57
N ARG B 207 -9.06 22.06 7.71
CA ARG B 207 -8.37 23.37 7.71
C ARG B 207 -6.86 23.15 7.60
N ALA B 208 -6.43 22.14 6.84
CA ALA B 208 -5.02 21.75 6.66
C ALA B 208 -4.34 22.60 5.57
N LEU B 209 -5.11 23.21 4.67
CA LEU B 209 -4.61 23.92 3.47
C LEU B 209 -4.37 25.42 3.77
N SER B 210 -3.36 26.00 3.12
CA SER B 210 -3.25 27.46 2.97
C SER B 210 -4.51 27.99 2.27
N THR B 211 -5.06 29.10 2.75
CA THR B 211 -6.21 29.83 2.13
C THR B 211 -5.71 31.16 1.56
N ARG B 212 -4.43 31.29 1.21
CA ARG B 212 -3.85 32.55 0.66
C ARG B 212 -4.18 32.65 -0.84
N ASN B 213 -5.46 32.82 -1.16
CA ASN B 213 -6.03 32.82 -2.53
C ASN B 213 -5.54 34.05 -3.30
N ASP B 214 -5.21 35.14 -2.62
CA ASP B 214 -4.82 36.41 -3.29
C ASP B 214 -3.42 36.22 -3.90
N GLU B 215 -2.56 35.37 -3.32
CA GLU B 215 -1.14 35.23 -3.76
C GLU B 215 -0.71 33.77 -3.68
N PRO B 216 -1.24 32.92 -4.59
CA PRO B 216 -0.97 31.48 -4.55
C PRO B 216 0.52 31.11 -4.56
N THR B 217 1.36 31.89 -5.23
CA THR B 217 2.81 31.55 -5.35
C THR B 217 3.52 31.81 -4.02
N ARG B 218 2.90 32.57 -3.11
CA ARG B 218 3.47 32.91 -1.78
C ARG B 218 2.85 32.00 -0.73
N ALA B 219 1.84 31.20 -1.08
CA ALA B 219 1.08 30.38 -0.11
C ALA B 219 2.05 29.43 0.58
N SER B 220 2.91 28.75 -0.18
CA SER B 220 3.76 27.65 0.36
C SER B 220 5.05 28.27 0.89
N ARG B 221 5.19 28.39 2.21
CA ARG B 221 6.25 29.23 2.81
C ARG B 221 6.78 28.53 4.05
N PRO B 222 7.48 27.40 3.85
CA PRO B 222 7.91 26.54 4.95
C PRO B 222 8.85 27.31 5.89
N TRP B 223 8.58 27.20 7.20
CA TRP B 223 9.30 27.82 8.35
C TRP B 223 9.13 29.34 8.42
N ASP B 224 8.34 29.95 7.53
CA ASP B 224 8.03 31.40 7.56
C ASP B 224 6.95 31.61 8.60
N ARG B 225 7.02 32.69 9.36
CA ARG B 225 6.11 32.95 10.50
C ARG B 225 4.66 33.15 10.02
N ASP B 226 4.43 33.40 8.74
CA ASP B 226 3.08 33.67 8.15
C ASP B 226 2.51 32.47 7.37
N ARG B 227 3.13 31.29 7.43
CA ARG B 227 2.58 30.07 6.78
C ARG B 227 1.24 29.74 7.41
N ASP B 228 0.37 29.04 6.69
CA ASP B 228 -1.02 28.79 7.16
C ASP B 228 -1.56 27.47 6.58
N GLY B 229 -0.69 26.47 6.38
CA GLY B 229 -1.07 25.15 5.84
C GLY B 229 -0.40 24.84 4.52
N PHE B 230 -0.58 23.61 4.04
CA PHE B 230 0.15 23.10 2.85
C PHE B 230 -0.63 23.50 1.61
N VAL B 231 0.01 23.32 0.48
CA VAL B 231 -0.55 23.61 -0.87
C VAL B 231 -0.68 22.26 -1.56
N LEU B 232 -1.89 21.91 -1.98
CA LEU B 232 -2.19 20.62 -2.66
C LEU B 232 -1.67 20.65 -4.11
N SER B 233 -0.85 19.67 -4.47
CA SER B 233 -0.20 19.60 -5.80
C SER B 233 -0.32 18.19 -6.38
N ASP B 234 -0.17 18.09 -7.70
CA ASP B 234 -0.41 16.85 -8.48
C ASP B 234 0.90 16.47 -9.17
N GLY B 235 1.06 15.19 -9.48
CA GLY B 235 2.22 14.76 -10.28
C GLY B 235 2.72 13.39 -9.89
N SER B 236 3.95 13.10 -10.23
CA SER B 236 4.53 11.73 -10.16
C SER B 236 6.04 11.81 -10.18
N GLY B 237 6.65 10.85 -9.49
CA GLY B 237 8.09 10.57 -9.59
C GLY B 237 8.31 9.07 -9.67
N ALA B 238 9.23 8.66 -10.51
CA ALA B 238 9.64 7.26 -10.67
C ALA B 238 11.15 7.24 -10.75
N LEU B 239 11.75 6.28 -10.06
CA LEU B 239 13.21 6.02 -10.16
C LEU B 239 13.39 4.58 -10.58
N VAL B 240 14.40 4.35 -11.41
CA VAL B 240 14.92 2.98 -11.68
C VAL B 240 16.03 2.72 -10.66
N LEU B 241 15.78 1.76 -9.78
CA LEU B 241 16.74 1.28 -8.75
C LEU B 241 17.35 0.01 -9.33
N GLU B 242 18.64 -0.16 -9.12
CA GLU B 242 19.37 -1.25 -9.78
C GLU B 242 20.52 -1.67 -8.86
N GLU B 243 20.70 -2.98 -8.74
CA GLU B 243 21.88 -3.57 -8.07
C GLU B 243 23.12 -3.10 -8.81
N LEU B 244 24.15 -2.74 -8.06
CA LEU B 244 25.37 -2.06 -8.57
C LEU B 244 26.08 -2.91 -9.63
N GLU B 245 26.38 -4.18 -9.36
CA GLU B 245 27.12 -5.01 -10.35
C GLU B 245 26.30 -5.12 -11.65
N HIS B 246 24.99 -5.23 -11.54
CA HIS B 246 24.06 -5.27 -12.71
C HIS B 246 24.14 -3.96 -13.50
N ALA B 247 24.20 -2.81 -12.82
CA ALA B 247 24.30 -1.49 -13.50
C ALA B 247 25.66 -1.39 -14.20
N ARG B 248 26.74 -1.80 -13.54
CA ARG B 248 28.13 -1.68 -14.08
C ARG B 248 28.33 -2.59 -15.29
N ALA B 249 27.85 -3.84 -15.23
CA ALA B 249 27.94 -4.84 -16.30
C ALA B 249 27.38 -4.29 -17.63
N ARG B 250 26.25 -3.57 -17.62
CA ARG B 250 25.61 -3.13 -18.88
C ARG B 250 26.06 -1.70 -19.22
N GLY B 251 26.92 -1.10 -18.41
CA GLY B 251 27.45 0.25 -18.64
C GLY B 251 26.44 1.36 -18.34
N ALA B 252 25.53 1.16 -17.38
CA ALA B 252 24.50 2.16 -17.05
C ALA B 252 25.16 3.46 -16.57
N ARG B 253 24.52 4.60 -16.85
CA ARG B 253 24.84 5.90 -16.20
C ARG B 253 24.22 5.82 -14.80
N ILE B 254 25.03 5.97 -13.75
CA ILE B 254 24.60 5.92 -12.32
C ILE B 254 24.51 7.34 -11.82
N TYR B 255 23.32 7.79 -11.40
CA TYR B 255 23.17 9.15 -10.84
C TYR B 255 23.72 9.18 -9.41
N ALA B 256 23.44 8.18 -8.58
CA ALA B 256 23.80 8.22 -7.15
C ALA B 256 23.56 6.85 -6.56
N GLU B 257 24.02 6.64 -5.34
CA GLU B 257 23.79 5.38 -4.60
C GLU B 257 22.73 5.65 -3.54
N LEU B 258 21.78 4.74 -3.37
CA LEU B 258 20.85 4.73 -2.23
C LEU B 258 21.51 3.90 -1.10
N VAL B 259 22.02 4.55 -0.04
CA VAL B 259 22.85 3.89 1.00
C VAL B 259 22.02 3.60 2.26
N GLY B 260 20.91 4.31 2.47
CA GLY B 260 20.17 4.26 3.75
C GLY B 260 18.67 4.41 3.54
N PHE B 261 17.90 3.67 4.35
CA PHE B 261 16.43 3.80 4.41
C PHE B 261 16.01 3.67 5.88
N GLY B 262 15.23 4.63 6.33
CA GLY B 262 14.66 4.65 7.68
C GLY B 262 13.15 4.71 7.62
N MET B 263 12.53 3.94 8.52
CA MET B 263 11.09 3.97 8.86
C MET B 263 10.96 4.14 10.37
N SER B 264 9.87 4.75 10.79
CA SER B 264 9.48 4.90 12.22
C SER B 264 8.02 5.31 12.23
N GLY B 265 7.33 4.99 13.32
CA GLY B 265 6.02 5.54 13.67
C GLY B 265 6.19 6.47 14.85
N ASP B 266 5.54 7.64 14.78
CA ASP B 266 5.39 8.61 15.90
C ASP B 266 4.58 7.95 17.01
N ALA B 267 3.59 7.13 16.65
CA ALA B 267 2.59 6.62 17.63
C ALA B 267 2.04 7.79 18.47
N PHE B 268 1.80 8.95 17.84
CA PHE B 268 1.48 10.20 18.57
C PHE B 268 0.04 10.65 18.25
N HIS B 269 -0.22 11.13 17.03
CA HIS B 269 -1.53 11.71 16.62
C HIS B 269 -1.87 11.31 15.18
N MET B 270 -3.15 11.38 14.81
CA MET B 270 -3.66 10.89 13.51
C MET B 270 -3.16 11.79 12.37
N THR B 271 -3.01 13.10 12.62
CA THR B 271 -2.62 14.09 11.57
C THR B 271 -1.47 15.02 12.00
N ALA B 272 -1.21 15.21 13.29
CA ALA B 272 -0.19 16.17 13.79
C ALA B 272 1.06 15.43 14.26
N PRO B 273 2.26 15.98 13.99
CA PRO B 273 3.49 15.39 14.51
C PRO B 273 3.72 15.84 15.95
N PRO B 274 4.52 15.12 16.78
CA PRO B 274 4.91 15.65 18.08
C PRO B 274 5.80 16.89 17.91
N GLU B 275 5.69 17.87 18.82
CA GLU B 275 6.34 19.21 18.73
C GLU B 275 7.86 19.06 18.61
N ASP B 276 8.43 18.06 19.30
CA ASP B 276 9.89 17.78 19.35
C ASP B 276 10.31 16.91 18.14
N GLY B 277 9.38 16.45 17.30
CA GLY B 277 9.70 15.59 16.15
C GLY B 277 10.49 14.36 16.55
N ALA B 278 10.18 13.78 17.71
CA ALA B 278 10.83 12.56 18.24
C ALA B 278 10.76 11.45 17.17
N GLY B 279 9.63 11.37 16.43
CA GLY B 279 9.40 10.38 15.35
C GLY B 279 10.37 10.53 14.20
N ALA B 280 10.41 11.71 13.60
CA ALA B 280 11.31 12.08 12.48
C ALA B 280 12.76 11.88 12.92
N ALA B 281 13.11 12.21 14.17
CA ALA B 281 14.47 12.02 14.73
C ALA B 281 14.84 10.53 14.74
N ARG B 282 13.97 9.65 15.23
CA ARG B 282 14.24 8.18 15.27
C ARG B 282 14.42 7.63 13.85
N CYS B 283 13.59 8.07 12.92
CA CYS B 283 13.58 7.67 11.50
C CYS B 283 14.90 8.10 10.84
N MET B 284 15.30 9.36 10.97
CA MET B 284 16.60 9.82 10.44
C MET B 284 17.75 9.02 11.07
N LYS B 285 17.79 8.87 12.39
CA LYS B 285 18.83 8.07 13.11
C LYS B 285 18.82 6.66 12.54
N ASN B 286 17.64 6.09 12.31
CA ASN B 286 17.52 4.71 11.77
C ASN B 286 18.13 4.65 10.37
N ALA B 287 17.96 5.70 9.55
CA ALA B 287 18.42 5.72 8.14
C ALA B 287 19.95 5.87 8.09
N LEU B 288 20.49 6.70 8.96
CA LEU B 288 21.96 6.91 9.06
C LEU B 288 22.60 5.61 9.56
N ARG B 289 22.04 4.96 10.58
CA ARG B 289 22.50 3.63 11.05
C ARG B 289 22.45 2.61 9.92
N ASP B 290 21.35 2.56 9.18
CA ASP B 290 21.20 1.69 7.99
C ASP B 290 22.35 1.93 6.99
N ALA B 291 22.76 3.18 6.79
CA ALA B 291 23.82 3.57 5.83
C ALA B 291 25.22 3.41 6.45
N GLY B 292 25.32 3.13 7.75
CA GLY B 292 26.61 3.10 8.47
C GLY B 292 27.25 4.46 8.46
N LEU B 293 26.47 5.54 8.49
CA LEU B 293 27.01 6.92 8.45
C LEU B 293 26.77 7.61 9.78
N ASP B 294 27.73 8.46 10.15
N ASP B 294 27.72 8.46 10.19
CA ASP B 294 27.66 9.42 11.29
CA ASP B 294 27.59 9.35 11.35
C ASP B 294 26.81 10.60 10.84
C ASP B 294 26.84 10.61 10.89
N PRO B 295 25.91 11.15 11.70
CA PRO B 295 25.19 12.38 11.33
C PRO B 295 26.05 13.52 10.75
N ARG B 296 27.30 13.61 11.19
CA ARG B 296 28.30 14.62 10.74
C ARG B 296 28.51 14.54 9.23
N GLN B 297 28.31 13.38 8.62
CA GLN B 297 28.59 13.19 7.16
C GLN B 297 27.46 13.76 6.30
N VAL B 298 26.32 14.14 6.89
CA VAL B 298 25.17 14.60 6.08
C VAL B 298 25.35 16.06 5.68
N ASP B 299 25.16 16.37 4.40
CA ASP B 299 25.45 17.71 3.84
C ASP B 299 24.16 18.45 3.49
N TYR B 300 23.12 17.72 3.07
CA TYR B 300 21.91 18.29 2.44
C TYR B 300 20.70 17.47 2.87
N ILE B 301 19.65 18.13 3.33
CA ILE B 301 18.39 17.44 3.70
C ILE B 301 17.29 18.08 2.86
N ASN B 302 16.58 17.26 2.08
CA ASN B 302 15.32 17.70 1.45
C ASN B 302 14.22 17.40 2.46
N ALA B 303 13.79 18.46 3.13
CA ALA B 303 12.81 18.44 4.24
C ALA B 303 11.47 17.95 3.71
N HIS B 304 10.64 17.44 4.60
CA HIS B 304 9.20 17.29 4.32
C HIS B 304 8.65 18.72 4.09
N GLY B 305 8.92 19.64 5.03
CA GLY B 305 8.71 21.09 4.88
C GLY B 305 7.38 21.47 4.23
N THR B 306 6.24 21.08 4.80
CA THR B 306 4.90 21.14 4.14
C THR B 306 4.30 22.55 4.22
N SER B 307 4.83 23.43 5.08
CA SER B 307 4.28 24.78 5.36
C SER B 307 3.07 24.70 6.32
N THR B 308 2.98 23.66 7.15
CA THR B 308 2.00 23.61 8.26
C THR B 308 2.70 24.15 9.51
N PRO B 309 1.96 24.86 10.39
CA PRO B 309 2.57 25.39 11.62
C PRO B 309 3.36 24.29 12.33
N ALA B 310 2.71 23.19 12.72
CA ALA B 310 3.30 22.16 13.61
C ALA B 310 4.39 21.34 12.90
N GLY B 311 4.20 21.00 11.61
CA GLY B 311 5.11 20.13 10.84
C GLY B 311 6.49 20.74 10.69
N ASP B 312 6.56 21.98 10.24
CA ASP B 312 7.82 22.70 9.94
C ASP B 312 8.69 22.76 11.21
N ILE B 313 8.10 23.10 12.35
CA ILE B 313 8.81 23.32 13.65
C ILE B 313 9.26 21.96 14.20
N ALA B 314 8.45 20.91 14.09
CA ALA B 314 8.81 19.52 14.47
C ALA B 314 10.09 19.06 13.74
N GLU B 315 10.21 19.39 12.46
N GLU B 315 10.20 19.40 12.46
CA GLU B 315 11.37 18.98 11.61
CA GLU B 315 11.34 19.01 11.59
C GLU B 315 12.63 19.73 12.05
C GLU B 315 12.62 19.72 12.05
N ILE B 316 12.52 21.01 12.42
CA ILE B 316 13.68 21.77 13.01
C ILE B 316 14.13 21.06 14.30
N ALA B 317 13.22 20.80 15.24
CA ALA B 317 13.55 20.10 16.50
C ALA B 317 14.23 18.77 16.18
N ALA B 318 13.71 18.05 15.19
CA ALA B 318 14.20 16.69 14.83
C ALA B 318 15.64 16.80 14.30
N VAL B 319 15.89 17.74 13.41
CA VAL B 319 17.25 17.95 12.82
C VAL B 319 18.24 18.37 13.93
N LYS B 320 17.86 19.31 14.80
CA LYS B 320 18.76 19.78 15.90
C LYS B 320 19.12 18.59 16.80
N SER B 321 18.15 17.76 17.13
CA SER B 321 18.30 16.56 17.97
C SER B 321 19.26 15.55 17.31
N VAL B 322 19.01 15.18 16.05
CA VAL B 322 19.83 14.15 15.35
C VAL B 322 21.27 14.64 15.17
N PHE B 323 21.45 15.92 14.82
CA PHE B 323 22.70 16.41 14.19
C PHE B 323 23.52 17.25 15.17
N GLY B 324 22.92 17.71 16.29
CA GLY B 324 23.64 18.46 17.34
C GLY B 324 24.43 19.62 16.75
N GLU B 325 25.74 19.64 17.00
CA GLU B 325 26.66 20.75 16.60
C GLU B 325 26.94 20.71 15.08
N HIS B 326 26.32 19.82 14.31
CA HIS B 326 26.45 19.82 12.82
C HIS B 326 25.16 20.33 12.15
N ALA B 327 24.12 20.58 12.92
CA ALA B 327 22.75 20.93 12.45
C ALA B 327 22.74 22.24 11.64
N HIS B 328 23.66 23.17 11.94
CA HIS B 328 23.80 24.48 11.26
C HIS B 328 24.69 24.33 10.01
N ALA B 329 25.52 23.28 9.94
CA ALA B 329 26.54 23.09 8.88
C ALA B 329 25.90 22.51 7.63
N LEU B 330 25.00 21.51 7.79
CA LEU B 330 24.16 21.00 6.68
C LEU B 330 23.25 22.13 6.19
N SER B 331 22.86 22.03 4.92
CA SER B 331 21.77 22.83 4.33
C SER B 331 20.51 21.95 4.28
N MET B 332 19.36 22.54 4.60
CA MET B 332 18.05 21.85 4.59
C MET B 332 17.06 22.77 3.89
N SER B 333 16.43 22.31 2.80
CA SER B 333 15.44 23.12 2.06
C SER B 333 14.17 22.30 1.81
N SER B 334 13.05 23.01 1.70
CA SER B 334 11.75 22.47 1.26
C SER B 334 11.49 22.93 -0.17
N THR B 335 11.57 21.98 -1.10
CA THR B 335 11.24 22.20 -2.52
C THR B 335 9.71 22.35 -2.60
N LYS B 336 8.98 22.02 -1.52
CA LYS B 336 7.51 22.21 -1.49
C LYS B 336 7.18 23.71 -1.53
N SER B 337 8.14 24.57 -1.16
CA SER B 337 8.03 26.05 -1.28
C SER B 337 7.72 26.41 -2.75
N MET B 338 8.13 25.56 -3.70
CA MET B 338 7.94 25.77 -5.17
C MET B 338 6.88 24.82 -5.76
N THR B 339 6.90 23.54 -5.39
CA THR B 339 6.06 22.47 -6.02
C THR B 339 4.70 22.31 -5.32
N GLY B 340 4.61 22.79 -4.10
CA GLY B 340 3.52 22.39 -3.18
C GLY B 340 3.72 20.93 -2.80
N HIS B 341 2.71 20.37 -2.17
CA HIS B 341 2.75 19.03 -1.54
C HIS B 341 2.08 18.05 -2.50
N LEU B 342 2.88 17.18 -3.15
CA LEU B 342 2.35 16.15 -4.11
C LEU B 342 1.87 14.89 -3.35
N LEU B 343 1.72 14.99 -2.02
CA LEU B 343 1.15 13.93 -1.16
C LEU B 343 1.92 12.61 -1.37
N GLY B 344 1.28 11.57 -1.93
CA GLY B 344 1.96 10.29 -2.13
C GLY B 344 3.13 10.38 -3.10
N ALA B 345 3.18 11.39 -3.98
CA ALA B 345 4.28 11.58 -4.95
C ALA B 345 5.36 12.49 -4.35
N ALA B 346 5.09 13.16 -3.23
CA ALA B 346 6.03 14.14 -2.63
C ALA B 346 7.40 13.47 -2.45
N GLY B 347 7.45 12.29 -1.84
CA GLY B 347 8.72 11.61 -1.55
C GLY B 347 9.45 11.14 -2.82
N ALA B 348 8.71 10.84 -3.90
CA ALA B 348 9.30 10.40 -5.18
C ALA B 348 10.02 11.58 -5.87
N VAL B 349 9.33 12.71 -6.07
CA VAL B 349 9.94 13.89 -6.78
C VAL B 349 11.05 14.48 -5.88
N GLU B 350 10.92 14.36 -4.56
CA GLU B 350 11.91 14.94 -3.61
C GLU B 350 13.18 14.06 -3.55
N ALA B 351 13.05 12.73 -3.65
CA ALA B 351 14.19 11.78 -3.85
C ALA B 351 14.92 12.15 -5.14
N ILE B 352 14.18 12.48 -6.20
CA ILE B 352 14.83 12.90 -7.47
C ILE B 352 15.59 14.23 -7.27
N PHE B 353 14.99 15.19 -6.57
CA PHE B 353 15.63 16.50 -6.32
C PHE B 353 16.87 16.33 -5.46
N SER B 354 16.87 15.34 -4.56
CA SER B 354 18.00 15.02 -3.65
C SER B 354 19.14 14.42 -4.47
N VAL B 355 18.82 13.47 -5.34
CA VAL B 355 19.79 12.86 -6.29
C VAL B 355 20.39 13.97 -7.15
N LEU B 356 19.59 14.87 -7.70
CA LEU B 356 20.11 15.94 -8.62
C LEU B 356 20.96 16.95 -7.82
N ALA B 357 20.63 17.21 -6.57
CA ALA B 357 21.45 18.07 -5.68
C ALA B 357 22.85 17.47 -5.58
N LEU B 358 22.95 16.14 -5.55
CA LEU B 358 24.26 15.45 -5.48
C LEU B 358 24.97 15.61 -6.83
N ARG B 359 24.26 15.40 -7.95
CA ARG B 359 24.85 15.55 -9.31
C ARG B 359 25.35 16.99 -9.48
N ASP B 360 24.56 18.00 -9.14
CA ASP B 360 24.85 19.41 -9.55
C ASP B 360 25.54 20.20 -8.43
N GLN B 361 25.77 19.56 -7.28
CA GLN B 361 26.41 20.16 -6.07
C GLN B 361 25.72 21.50 -5.74
N VAL B 362 24.40 21.45 -5.50
CA VAL B 362 23.61 22.69 -5.22
C VAL B 362 22.42 22.31 -4.32
N ALA B 363 22.23 23.06 -3.23
CA ALA B 363 21.02 23.00 -2.38
C ALA B 363 19.93 23.85 -3.04
N PRO B 364 18.78 23.26 -3.45
CA PRO B 364 17.63 24.03 -3.93
C PRO B 364 17.15 24.99 -2.86
N PRO B 365 16.51 26.11 -3.25
CA PRO B 365 16.03 27.11 -2.29
C PRO B 365 14.76 26.68 -1.55
N THR B 366 14.57 27.20 -0.34
CA THR B 366 13.24 27.36 0.28
C THR B 366 12.76 28.78 -0.08
N ILE B 367 11.96 28.94 -1.13
CA ILE B 367 11.42 30.28 -1.53
C ILE B 367 10.38 30.72 -0.47
N ASN B 368 10.10 32.03 -0.39
CA ASN B 368 9.03 32.62 0.47
C ASN B 368 9.44 32.62 1.95
N LEU B 369 10.68 32.26 2.28
CA LEU B 369 11.20 32.25 3.68
C LEU B 369 11.66 33.67 3.99
N ASP B 370 10.69 34.58 4.12
CA ASP B 370 10.89 36.04 4.30
C ASP B 370 11.22 36.33 5.76
N ASN B 371 10.56 35.61 6.68
CA ASN B 371 10.61 35.88 8.14
C ASN B 371 10.65 34.55 8.89
N PRO B 372 11.82 33.89 8.96
CA PRO B 372 11.93 32.62 9.65
C PRO B 372 11.22 32.72 11.01
N ASP B 373 10.58 31.64 11.44
CA ASP B 373 9.77 31.61 12.68
C ASP B 373 10.73 31.46 13.85
N GLU B 374 10.20 31.56 15.07
CA GLU B 374 10.91 31.26 16.34
C GLU B 374 11.60 29.89 16.23
N GLY B 375 12.92 29.87 16.32
CA GLY B 375 13.70 28.61 16.39
C GLY B 375 14.17 28.14 15.03
N CYS B 376 13.66 28.74 13.94
CA CYS B 376 13.95 28.36 12.55
C CYS B 376 15.24 29.04 12.09
N ASP B 377 16.35 28.79 12.79
CA ASP B 377 17.63 29.52 12.60
C ASP B 377 18.66 28.65 11.86
N LEU B 378 18.27 27.49 11.32
CA LEU B 378 19.18 26.61 10.54
C LEU B 378 19.48 27.26 9.19
N ASP B 379 20.36 26.67 8.40
CA ASP B 379 20.59 27.06 6.99
C ASP B 379 19.44 26.44 6.17
N LEU B 380 18.38 27.21 5.91
CA LEU B 380 17.16 26.72 5.22
C LEU B 380 17.18 27.14 3.75
N VAL B 381 18.31 27.69 3.31
CA VAL B 381 18.58 28.02 1.89
C VAL B 381 17.48 28.99 1.42
N ALA B 382 17.21 30.02 2.22
CA ALA B 382 16.16 31.02 1.92
C ALA B 382 16.35 31.62 0.52
N HIS B 383 15.27 31.66 -0.28
CA HIS B 383 15.09 32.50 -1.50
C HIS B 383 15.85 31.94 -2.72
N GLU B 384 17.10 31.53 -2.61
CA GLU B 384 17.96 31.24 -3.77
C GLU B 384 18.76 29.95 -3.56
N ALA B 385 18.96 29.22 -4.66
CA ALA B 385 19.85 28.05 -4.76
C ALA B 385 21.22 28.40 -4.16
N LYS B 386 21.85 27.44 -3.49
CA LYS B 386 23.18 27.62 -2.90
C LYS B 386 24.08 26.48 -3.38
N PRO B 387 25.01 26.75 -4.33
CA PRO B 387 26.04 25.77 -4.68
C PRO B 387 26.89 25.41 -3.45
N ARG B 388 27.17 24.13 -3.24
CA ARG B 388 27.98 23.72 -2.07
C ARG B 388 28.47 22.28 -2.26
N LYS B 389 29.31 21.82 -1.35
CA LYS B 389 29.76 20.41 -1.30
C LYS B 389 28.61 19.58 -0.72
N ILE B 390 28.20 18.57 -1.47
CA ILE B 390 27.13 17.61 -1.03
C ILE B 390 27.64 16.22 -1.37
N ASP B 391 28.05 15.45 -0.37
CA ASP B 391 28.43 14.03 -0.55
C ASP B 391 27.26 13.13 -0.15
N VAL B 392 26.53 13.50 0.92
CA VAL B 392 25.37 12.75 1.46
C VAL B 392 24.15 13.66 1.52
N ALA B 393 23.02 13.22 0.96
CA ALA B 393 21.72 13.93 0.95
C ALA B 393 20.65 13.04 1.61
N LEU B 394 19.79 13.63 2.46
CA LEU B 394 18.63 12.94 3.10
C LEU B 394 17.35 13.51 2.47
N SER B 395 16.35 12.65 2.29
CA SER B 395 14.99 13.09 1.91
C SER B 395 14.05 12.55 2.96
N ASN B 396 13.30 13.43 3.62
CA ASN B 396 12.38 13.05 4.72
C ASN B 396 10.93 13.14 4.21
N SER B 397 10.11 12.18 4.65
CA SER B 397 8.64 12.25 4.53
C SER B 397 8.00 11.83 5.86
N PHE B 398 7.06 12.63 6.35
CA PHE B 398 6.27 12.39 7.58
C PHE B 398 4.79 12.49 7.19
N GLY B 399 3.95 11.51 7.52
CA GLY B 399 2.56 11.51 7.01
C GLY B 399 1.52 11.25 8.09
N PHE B 400 0.26 11.39 7.72
CA PHE B 400 -0.91 11.03 8.55
C PHE B 400 -0.67 9.63 9.11
N GLY B 401 -1.05 9.42 10.37
CA GLY B 401 -0.80 8.17 11.11
C GLY B 401 0.55 8.18 11.80
N GLY B 402 1.29 9.28 11.70
CA GLY B 402 2.66 9.42 12.24
C GLY B 402 3.65 8.48 11.56
N THR B 403 3.42 8.21 10.27
CA THR B 403 4.28 7.32 9.45
C THR B 403 5.44 8.16 8.88
N ASN B 404 6.68 7.75 9.11
CA ASN B 404 7.91 8.50 8.75
C ASN B 404 8.76 7.67 7.80
N GLY B 405 9.44 8.36 6.91
CA GLY B 405 10.34 7.76 5.93
C GLY B 405 11.52 8.67 5.75
N THR B 406 12.73 8.10 5.78
CA THR B 406 13.97 8.79 5.38
C THR B 406 14.74 7.94 4.36
N LEU B 407 15.16 8.58 3.26
CA LEU B 407 16.13 8.00 2.30
C LEU B 407 17.46 8.74 2.44
N VAL B 408 18.57 7.98 2.41
CA VAL B 408 19.95 8.52 2.41
C VAL B 408 20.60 8.18 1.06
N PHE B 409 20.99 9.19 0.30
CA PHE B 409 21.69 9.09 -1.00
C PHE B 409 23.12 9.60 -0.79
N ARG B 410 24.05 9.03 -1.54
CA ARG B 410 25.48 9.37 -1.50
C ARG B 410 26.00 9.48 -2.94
N ARG B 411 26.92 10.42 -3.22
CA ARG B 411 27.63 10.50 -4.53
C ARG B 411 28.22 9.14 -4.86
N PHE B 412 28.21 8.77 -6.13
CA PHE B 412 28.83 7.50 -6.62
C PHE B 412 30.08 7.80 -7.47
N ALA B 413 31.16 7.04 -7.29
CA ALA B 413 32.36 7.02 -8.18
C ALA B 413 33.38 5.98 -7.70
C4 X0G C . -10.81 -3.31 -5.49
C5 X0G C . -12.37 -2.81 -3.52
C6 X0G C . -13.08 -1.86 -4.42
C7 X0G C . -13.84 -0.29 -5.73
C8 X0G C . -13.96 0.91 -6.57
C9 X0G C . -13.44 2.25 -6.08
C10 X0G C . -12.69 1.50 -7.16
N1 X0G C . -11.08 -3.38 -4.03
N2 X0G C . -14.83 -1.18 -5.56
C3 X0G C . -9.38 -3.84 -5.66
N3 X0G C . -12.67 -0.70 -4.99
C1 X0G C . -10.98 -4.80 -3.59
C2 X0G C . -9.59 -5.36 -3.93
O1 X0G C . -9.30 -5.18 -5.27
O2 X0G C . -14.37 -2.14 -4.75
S DMS D . 10.40 -15.03 6.21
O DMS D . 11.09 -14.04 5.34
C1 DMS D . 9.66 -16.23 5.11
C2 DMS D . 11.69 -16.09 6.81
S DMS E . 6.29 -34.10 -8.45
O DMS E . 5.45 -35.16 -7.76
C1 DMS E . 6.72 -32.87 -7.23
C2 DMS E . 7.92 -34.82 -8.67
S DMS F . -20.76 12.59 6.18
O DMS F . -20.35 13.83 5.43
C1 DMS F . -22.52 12.42 6.00
C2 DMS F . -20.68 13.01 7.91
C4 X0G G . -2.89 12.15 0.32
C5 X0G G . -4.95 10.88 -0.09
C6 X0G G . -6.20 11.69 0.00
C7 X0G G . -8.23 12.36 0.28
C8 X0G G . -9.64 12.28 0.64
C9 X0G G . -10.07 11.23 1.65
C10 X0G G . -10.38 11.04 0.18
N1 X0G G . -3.89 11.22 0.88
N2 X0G G . -7.58 13.42 -0.26
C3 X0G G . -1.64 12.01 1.20
N3 X0G G . -7.36 11.25 0.45
C1 X0G G . -4.39 11.74 2.19
C2 X0G G . -3.16 12.14 3.03
O1 X0G G . -2.00 11.52 2.48
O2 X0G G . -6.30 13.01 -0.44
S DMS H . 5.51 4.88 -23.63
O DMS H . 7.02 4.75 -23.48
C1 DMS H . 5.21 5.13 -25.37
C2 DMS H . 4.86 3.24 -23.49
S DMS I . 12.91 -10.48 -25.29
O DMS I . 14.15 -11.25 -24.85
C1 DMS I . 13.53 -9.09 -26.24
C2 DMS I . 12.21 -11.43 -26.60
S DMS J . 19.45 -0.58 0.59
O DMS J . 18.94 -1.52 1.67
C1 DMS J . 19.36 1.06 1.25
C2 DMS J . 21.23 -0.72 0.61
S DMS K . -12.83 4.44 -15.56
O DMS K . -14.05 4.84 -14.74
C1 DMS K . -13.44 4.04 -17.18
C2 DMS K . -12.00 5.94 -16.04
S DMS L . 12.85 10.97 -20.88
O DMS L . 12.80 9.71 -20.08
C1 DMS L . 12.33 12.29 -19.82
C2 DMS L . 11.45 10.98 -21.95
S DMS M . -10.71 9.21 -16.97
O DMS M . -9.73 9.41 -15.87
C1 DMS M . -9.84 9.65 -18.45
C2 DMS M . -11.81 10.62 -16.92
S DMS N . 12.45 -2.00 -22.71
O DMS N . 13.00 -3.40 -22.84
C1 DMS N . 11.16 -1.84 -23.93
C2 DMS N . 13.64 -0.95 -23.49
P PO4 O . 20.72 -9.60 -17.13
O1 PO4 O . 22.23 -9.43 -17.43
O2 PO4 O . 20.08 -10.53 -18.16
O3 PO4 O . 20.05 -8.20 -17.16
O4 PO4 O . 20.56 -10.24 -15.72
#